data_5TNJ
#
_entry.id   5TNJ
#
_cell.length_a   168.351
_cell.length_b   83.436
_cell.length_c   89.377
_cell.angle_alpha   90.00
_cell.angle_beta   100.45
_cell.angle_gamma   90.00
#
_symmetry.space_group_name_H-M   'C 1 2 1'
#
loop_
_entity.id
_entity.type
_entity.pdbx_description
1 polymer 'CFTR inhibitory factor'
2 non-polymer (1R,2R,4R)-4-ethenylcyclohexane-1,2-diol
3 non-polymer (1S,2S,4S)-4-ethenylcyclohexane-1,2-diol
4 non-polymer (1R,2R,4S)-4-ethenylcyclohexane-1,2-diol
5 non-polymer (1S,2S,4R)-4-ethenylcyclohexane-1,2-diol
6 water water
#
_entity_poly.entity_id   1
_entity_poly.type   'polypeptide(L)'
_entity_poly.pdbx_seq_one_letter_code
;AEEFPVPNGFESAYREVDGVKLHYVKGGQGPLVMLVHGFGQTWYEWHQLMPELAKRFTVIAPDLPGLGQSEPPKTGYSGE
QVAVYLHKLARQFSPDRPFDLVAHDIGIWNTYPMVVKNQADIARLVYMQAPIPDARIYRFPAFTAQGESLVWHFSFFAAD
DRLAETLIAGKERFFLEHFIKSHASNTEVFSERLLDLYARSYAKPHSLNASFEYYRALNESVRQNAELAKTRLQMPTMTL
AGGGHGGMGTFQLEQMKAYAEDVEGHVLPGCGHWLPEECAAPMNRLVIDFLSRGRHHHHHH
;
_entity_poly.pdbx_strand_id   A,B,C,D
#
loop_
_chem_comp.id
_chem_comp.type
_chem_comp.name
_chem_comp.formula
8MD non-polymer (1S,2S,4S)-4-ethenylcyclohexane-1,2-diol 'C8 H14 O2'
AVH non-polymer (1R,2R,4R)-4-ethenylcyclohexane-1,2-diol 'C8 H14 O2'
BVH non-polymer (1R,2R,4S)-4-ethenylcyclohexane-1,2-diol 'C8 H14 O2'
DVH non-polymer (1S,2S,4R)-4-ethenylcyclohexane-1,2-diol 'C8 H14 O2'
#
# COMPACT_ATOMS: atom_id res chain seq x y z
N ALA A 1 16.35 -26.51 12.43
CA ALA A 1 16.24 -25.17 11.85
C ALA A 1 14.89 -24.54 12.17
N GLU A 2 14.87 -23.21 12.25
CA GLU A 2 13.66 -22.47 12.58
C GLU A 2 13.44 -21.40 11.53
N GLU A 3 12.26 -21.40 10.91
CA GLU A 3 11.97 -20.40 9.90
C GLU A 3 11.77 -19.02 10.50
N PHE A 4 11.33 -18.94 11.75
CA PHE A 4 11.04 -17.67 12.43
C PHE A 4 11.59 -17.73 13.84
N PRO A 5 12.05 -16.59 14.37
CA PRO A 5 12.65 -16.60 15.71
C PRO A 5 11.60 -16.86 16.78
N VAL A 6 11.93 -17.77 17.67
CA VAL A 6 11.02 -18.17 18.76
C VAL A 6 11.15 -17.16 19.89
N PRO A 7 10.04 -16.66 20.45
CA PRO A 7 10.15 -15.72 21.57
C PRO A 7 10.83 -16.36 22.76
N ASN A 8 11.53 -15.53 23.53
CA ASN A 8 12.21 -15.99 24.73
C ASN A 8 11.24 -16.72 25.64
N GLY A 9 11.67 -17.88 26.15
CA GLY A 9 10.83 -18.65 27.04
C GLY A 9 9.89 -19.63 26.36
N PHE A 10 9.82 -19.61 25.04
CA PHE A 10 8.99 -20.55 24.29
C PHE A 10 9.87 -21.65 23.68
N GLU A 11 9.22 -22.76 23.32
CA GLU A 11 9.90 -23.87 22.67
C GLU A 11 9.25 -24.13 21.31
N SER A 12 10.08 -24.46 20.34
CA SER A 12 9.63 -24.94 19.04
C SER A 12 9.73 -26.46 19.05
N ALA A 13 8.64 -27.13 18.70
CA ALA A 13 8.59 -28.58 18.81
C ALA A 13 7.66 -29.13 17.73
N TYR A 14 7.57 -30.47 17.68
CA TYR A 14 6.75 -31.15 16.70
C TYR A 14 5.96 -32.24 17.40
N ARG A 15 4.76 -32.51 16.89
CA ARG A 15 4.00 -33.66 17.37
C ARG A 15 3.33 -34.36 16.20
N GLU A 16 3.53 -35.68 16.12
CA GLU A 16 2.85 -36.49 15.13
C GLU A 16 1.39 -36.66 15.54
N VAL A 17 0.47 -36.29 14.65
CA VAL A 17 -0.96 -36.43 14.87
C VAL A 17 -1.54 -37.13 13.64
N ASP A 18 -2.09 -38.33 13.84
CA ASP A 18 -2.65 -39.12 12.73
C ASP A 18 -1.69 -39.21 11.55
N GLY A 19 -0.41 -39.49 11.86
CA GLY A 19 0.58 -39.68 10.82
C GLY A 19 1.14 -38.41 10.20
N VAL A 20 0.81 -37.24 10.72
CA VAL A 20 1.24 -35.96 10.17
C VAL A 20 2.04 -35.22 11.23
N LYS A 21 3.25 -34.81 10.88
CA LYS A 21 4.12 -34.11 11.84
C LYS A 21 3.77 -32.63 11.83
N LEU A 22 3.22 -32.15 12.94
CA LEU A 22 2.81 -30.75 13.08
C LEU A 22 3.85 -29.98 13.87
N HIS A 23 4.27 -28.84 13.34
CA HIS A 23 5.14 -27.93 14.08
C HIS A 23 4.30 -26.98 14.93
N TYR A 24 4.79 -26.64 16.12
CA TYR A 24 4.12 -25.65 16.95
C TYR A 24 5.15 -24.94 17.81
N VAL A 25 4.76 -23.79 18.35
CA VAL A 25 5.56 -23.06 19.32
C VAL A 25 4.71 -22.96 20.58
N LYS A 26 5.31 -23.25 21.73
CA LYS A 26 4.54 -23.41 22.96
C LYS A 26 5.24 -22.73 24.12
N GLY A 27 4.47 -22.12 25.01
CA GLY A 27 5.04 -21.55 26.21
C GLY A 27 3.96 -21.16 27.19
N GLY A 28 4.41 -20.83 28.41
CA GLY A 28 3.50 -20.37 29.45
C GLY A 28 2.95 -21.49 30.28
N GLN A 29 2.05 -21.13 31.19
CA GLN A 29 1.42 -22.11 32.06
C GLN A 29 0.01 -21.63 32.40
N GLY A 30 -0.86 -22.58 32.75
CA GLY A 30 -2.25 -22.29 32.92
C GLY A 30 -3.11 -22.98 31.87
N PRO A 31 -4.39 -22.62 31.80
CA PRO A 31 -5.27 -23.21 30.78
C PRO A 31 -4.72 -22.97 29.38
N LEU A 32 -5.07 -23.88 28.46
CA LEU A 32 -4.51 -23.86 27.12
C LEU A 32 -5.27 -22.89 26.20
N VAL A 33 -4.51 -22.08 25.46
CA VAL A 33 -5.04 -21.30 24.33
CA VAL A 33 -5.06 -21.33 24.34
C VAL A 33 -4.27 -21.72 23.09
N MET A 34 -4.99 -22.10 22.04
CA MET A 34 -4.39 -22.43 20.76
C MET A 34 -4.65 -21.30 19.79
N LEU A 35 -3.60 -20.78 19.16
CA LEU A 35 -3.70 -19.70 18.18
C LEU A 35 -3.41 -20.26 16.80
N VAL A 36 -4.33 -20.04 15.84
CA VAL A 36 -4.24 -20.69 14.52
C VAL A 36 -4.17 -19.63 13.43
N HIS A 37 -3.05 -19.61 12.70
CA HIS A 37 -2.74 -18.60 11.68
C HIS A 37 -3.51 -18.83 10.38
N GLY A 38 -3.29 -17.92 9.42
CA GLY A 38 -3.97 -17.97 8.14
C GLY A 38 -3.04 -17.98 6.93
N PHE A 39 -3.64 -17.77 5.76
CA PHE A 39 -2.91 -17.83 4.50
C PHE A 39 -1.84 -16.76 4.43
N GLY A 40 -0.68 -17.13 3.86
CA GLY A 40 0.44 -16.22 3.70
C GLY A 40 1.34 -16.15 4.89
N GLN A 41 0.97 -16.78 6.01
CA GLN A 41 1.69 -16.61 7.25
C GLN A 41 1.84 -17.97 7.92
N THR A 42 2.31 -17.92 9.15
CA THR A 42 2.64 -19.10 9.96
C THR A 42 2.31 -18.75 11.40
N TRP A 43 2.72 -19.61 12.33
CA TRP A 43 2.60 -19.31 13.76
C TRP A 43 3.14 -17.93 14.11
N TYR A 44 4.14 -17.45 13.36
CA TYR A 44 4.85 -16.23 13.70
C TYR A 44 3.94 -15.00 13.74
N GLU A 45 2.79 -15.02 13.05
CA GLU A 45 1.94 -13.83 13.13
C GLU A 45 1.50 -13.54 14.56
N TRP A 46 1.52 -14.55 15.42
CA TRP A 46 1.12 -14.43 16.81
C TRP A 46 2.28 -14.07 17.74
N HIS A 47 3.50 -13.83 17.25
CA HIS A 47 4.65 -13.83 18.15
C HIS A 47 4.65 -12.63 19.11
N GLN A 48 3.91 -11.56 18.81
CA GLN A 48 3.84 -10.44 19.76
C GLN A 48 2.76 -10.63 20.81
N LEU A 49 1.69 -11.34 20.46
CA LEU A 49 0.62 -11.65 21.40
C LEU A 49 1.03 -12.77 22.35
N MET A 50 1.82 -13.73 21.87
CA MET A 50 2.12 -14.93 22.66
C MET A 50 2.75 -14.65 24.03
N PRO A 51 3.76 -13.78 24.17
CA PRO A 51 4.35 -13.58 25.51
C PRO A 51 3.38 -12.97 26.51
N GLU A 52 2.48 -12.12 26.03
CA GLU A 52 1.47 -11.52 26.91
C GLU A 52 0.48 -12.57 27.39
N LEU A 53 -0.05 -13.39 26.48
CA LEU A 53 -0.94 -14.48 26.86
C LEU A 53 -0.25 -15.48 27.77
N ALA A 54 1.04 -15.73 27.54
CA ALA A 54 1.75 -16.73 28.32
C ALA A 54 1.88 -16.37 29.80
N LYS A 55 1.61 -15.12 30.18
CA LYS A 55 1.64 -14.78 31.59
C LYS A 55 0.46 -15.38 32.35
N ARG A 56 -0.58 -15.79 31.63
CA ARG A 56 -1.79 -16.32 32.23
C ARG A 56 -2.22 -17.68 31.67
N PHE A 57 -1.73 -18.07 30.50
CA PHE A 57 -2.19 -19.26 29.81
C PHE A 57 -1.00 -20.08 29.32
N THR A 58 -1.23 -21.38 29.13
CA THR A 58 -0.34 -22.16 28.26
C THR A 58 -0.75 -21.84 26.82
N VAL A 59 0.21 -21.39 26.01
CA VAL A 59 -0.07 -20.91 24.66
C VAL A 59 0.58 -21.87 23.66
N ILE A 60 -0.20 -22.36 22.70
CA ILE A 60 0.34 -23.15 21.60
CA ILE A 60 0.34 -23.16 21.59
C ILE A 60 -0.06 -22.52 20.27
N ALA A 61 0.91 -22.35 19.39
CA ALA A 61 0.65 -21.81 18.05
C ALA A 61 1.18 -22.80 17.00
N PRO A 62 0.31 -23.61 16.41
CA PRO A 62 0.76 -24.57 15.40
C PRO A 62 0.87 -23.94 14.01
N ASP A 63 1.69 -24.58 13.17
CA ASP A 63 1.64 -24.31 11.73
C ASP A 63 0.58 -25.21 11.12
N LEU A 64 -0.29 -24.62 10.29
CA LEU A 64 -1.30 -25.41 9.60
C LEU A 64 -0.64 -26.48 8.75
N PRO A 65 -1.29 -27.63 8.57
CA PRO A 65 -0.73 -28.70 7.75
C PRO A 65 -0.25 -28.19 6.39
N GLY A 66 0.99 -28.53 6.04
CA GLY A 66 1.61 -28.12 4.80
C GLY A 66 2.27 -26.76 4.83
N LEU A 67 1.92 -25.91 5.79
CA LEU A 67 2.45 -24.56 5.92
C LEU A 67 3.46 -24.48 7.04
N GLY A 68 4.28 -23.41 7.01
CA GLY A 68 5.33 -23.30 8.01
C GLY A 68 6.18 -24.56 8.00
N GLN A 69 6.38 -25.15 9.18
CA GLN A 69 7.20 -26.35 9.32
C GLN A 69 6.36 -27.60 9.54
N SER A 70 5.06 -27.55 9.23
CA SER A 70 4.18 -28.72 9.39
C SER A 70 4.05 -29.50 8.09
N GLU A 71 3.99 -30.83 8.23
CA GLU A 71 3.80 -31.69 7.08
C GLU A 71 2.40 -31.50 6.50
N PRO A 72 2.23 -31.76 5.20
CA PRO A 72 0.89 -31.71 4.61
C PRO A 72 -0.04 -32.71 5.25
N PRO A 73 -1.34 -32.48 5.20
CA PRO A 73 -2.30 -33.45 5.72
C PRO A 73 -2.30 -34.69 4.85
N LYS A 74 -2.63 -35.82 5.47
CA LYS A 74 -2.74 -37.09 4.75
C LYS A 74 -4.17 -37.39 4.30
N THR A 75 -5.17 -36.81 4.96
CA THR A 75 -6.56 -37.00 4.55
C THR A 75 -6.94 -36.01 3.45
N GLY A 76 -6.90 -34.72 3.74
CA GLY A 76 -7.23 -33.71 2.78
C GLY A 76 -7.25 -32.35 3.43
N TYR A 77 -7.66 -31.35 2.64
CA TYR A 77 -7.53 -29.95 3.06
C TYR A 77 -8.88 -29.30 3.39
N SER A 78 -9.98 -30.06 3.34
CA SER A 78 -11.26 -29.50 3.74
C SER A 78 -11.23 -29.16 5.23
N GLY A 79 -12.14 -28.26 5.63
CA GLY A 79 -12.12 -27.80 7.01
C GLY A 79 -12.31 -28.92 8.01
N GLU A 80 -13.24 -29.84 7.72
CA GLU A 80 -13.51 -30.93 8.63
C GLU A 80 -12.30 -31.86 8.75
N GLN A 81 -11.59 -32.08 7.65
CA GLN A 81 -10.41 -32.95 7.70
C GLN A 81 -9.27 -32.31 8.49
N VAL A 82 -8.99 -31.03 8.22
CA VAL A 82 -7.87 -30.38 8.89
C VAL A 82 -8.19 -30.17 10.36
N ALA A 83 -9.44 -29.89 10.68
CA ALA A 83 -9.80 -29.63 12.07
C ALA A 83 -9.50 -30.82 12.98
N VAL A 84 -9.55 -32.04 12.44
CA VAL A 84 -9.22 -33.22 13.24
C VAL A 84 -7.79 -33.11 13.78
N TYR A 85 -6.86 -32.73 12.90
CA TYR A 85 -5.46 -32.60 13.33
C TYR A 85 -5.34 -31.58 14.44
N LEU A 86 -5.98 -30.42 14.27
CA LEU A 86 -5.83 -29.35 15.25
C LEU A 86 -6.53 -29.68 16.56
N HIS A 87 -7.70 -30.33 16.50
CA HIS A 87 -8.37 -30.72 17.72
C HIS A 87 -7.55 -31.76 18.49
N LYS A 88 -7.07 -32.79 17.81
CA LYS A 88 -6.26 -33.80 18.49
C LYS A 88 -4.98 -33.20 19.07
N LEU A 89 -4.34 -32.29 18.34
CA LEU A 89 -3.13 -31.65 18.86
C LEU A 89 -3.41 -30.91 20.16
N ALA A 90 -4.47 -30.08 20.17
CA ALA A 90 -4.82 -29.34 21.38
C ALA A 90 -5.13 -30.28 22.53
N ARG A 91 -5.89 -31.34 22.27
CA ARG A 91 -6.28 -32.25 23.34
C ARG A 91 -5.11 -33.09 23.85
N GLN A 92 -4.01 -33.18 23.10
CA GLN A 92 -2.80 -33.79 23.67
C GLN A 92 -2.29 -32.99 24.85
N PHE A 93 -2.40 -31.67 24.79
CA PHE A 93 -1.90 -30.82 25.86
C PHE A 93 -2.99 -30.38 26.83
N SER A 94 -4.26 -30.57 26.49
CA SER A 94 -5.37 -30.24 27.38
C SER A 94 -6.39 -31.38 27.33
N PRO A 95 -6.00 -32.58 27.79
CA PRO A 95 -6.90 -33.73 27.65
C PRO A 95 -8.07 -33.74 28.62
N ASP A 96 -7.99 -33.03 29.73
CA ASP A 96 -9.01 -33.09 30.79
C ASP A 96 -9.76 -31.79 31.00
N ARG A 97 -9.51 -30.75 30.20
CA ARG A 97 -10.10 -29.44 30.41
C ARG A 97 -10.35 -28.79 29.05
N PRO A 98 -11.40 -28.00 28.92
CA PRO A 98 -11.60 -27.24 27.69
C PRO A 98 -10.48 -26.22 27.50
N PHE A 99 -10.23 -25.88 26.25
CA PHE A 99 -9.20 -24.92 25.88
C PHE A 99 -9.81 -23.77 25.10
N ASP A 100 -9.06 -22.67 25.00
CA ASP A 100 -9.47 -21.52 24.22
C ASP A 100 -8.89 -21.57 22.81
N LEU A 101 -9.55 -20.88 21.88
CA LEU A 101 -9.18 -20.90 20.48
C LEU A 101 -9.22 -19.50 19.90
N VAL A 102 -8.14 -19.11 19.23
CA VAL A 102 -8.07 -17.85 18.47
C VAL A 102 -7.65 -18.24 17.06
N ALA A 103 -8.35 -17.73 16.05
CA ALA A 103 -8.04 -18.14 14.69
C ALA A 103 -8.22 -16.97 13.75
N HIS A 104 -7.36 -16.91 12.73
CA HIS A 104 -7.29 -15.81 11.78
C HIS A 104 -7.40 -16.40 10.38
N ASP A 105 -8.27 -15.82 9.55
CA ASP A 105 -8.29 -16.13 8.11
C ASP A 105 -8.63 -17.62 7.95
N ILE A 106 -7.87 -18.40 7.17
CA ILE A 106 -8.24 -19.80 6.97
C ILE A 106 -8.07 -20.63 8.24
N GLY A 107 -7.44 -20.08 9.27
CA GLY A 107 -7.52 -20.72 10.58
C GLY A 107 -8.95 -20.94 11.05
N ILE A 108 -9.86 -20.03 10.65
CA ILE A 108 -11.28 -20.23 10.93
C ILE A 108 -11.82 -21.45 10.20
N TRP A 109 -11.53 -21.54 8.89
CA TRP A 109 -12.03 -22.66 8.11
C TRP A 109 -11.59 -23.97 8.71
N ASN A 110 -10.36 -24.01 9.21
CA ASN A 110 -9.71 -25.22 9.67
C ASN A 110 -10.00 -25.54 11.12
N THR A 111 -10.83 -24.72 11.79
CA THR A 111 -11.19 -25.00 13.17
C THR A 111 -12.68 -25.07 13.39
N TYR A 112 -13.49 -24.35 12.61
CA TYR A 112 -14.92 -24.34 12.88
C TYR A 112 -15.51 -25.75 13.01
N PRO A 113 -15.19 -26.72 12.15
CA PRO A 113 -15.82 -28.05 12.33
C PRO A 113 -15.49 -28.70 13.66
N MET A 114 -14.25 -28.56 14.16
CA MET A 114 -13.99 -29.22 15.43
C MET A 114 -14.59 -28.47 16.60
N VAL A 115 -14.83 -27.16 16.46
CA VAL A 115 -15.53 -26.42 17.50
C VAL A 115 -16.97 -26.89 17.61
N VAL A 116 -17.65 -26.99 16.46
CA VAL A 116 -19.06 -27.31 16.50
C VAL A 116 -19.29 -28.78 16.85
N LYS A 117 -18.34 -29.65 16.53
CA LYS A 117 -18.46 -31.07 16.84
C LYS A 117 -17.98 -31.43 18.25
N ASN A 118 -17.27 -30.53 18.92
CA ASN A 118 -16.72 -30.80 20.25
C ASN A 118 -16.87 -29.57 21.14
N GLN A 119 -18.11 -29.08 21.27
CA GLN A 119 -18.31 -27.79 21.91
C GLN A 119 -17.85 -27.79 23.36
N ALA A 120 -17.99 -28.92 24.06
CA ALA A 120 -17.55 -28.97 25.45
C ALA A 120 -16.04 -28.83 25.59
N ASP A 121 -15.27 -29.01 24.51
CA ASP A 121 -13.83 -28.88 24.57
C ASP A 121 -13.36 -27.44 24.38
N ILE A 122 -14.25 -26.54 23.96
CA ILE A 122 -13.89 -25.16 23.62
C ILE A 122 -14.51 -24.24 24.67
N ALA A 123 -13.66 -23.60 25.47
CA ALA A 123 -14.14 -22.71 26.52
C ALA A 123 -14.57 -21.36 25.96
N ARG A 124 -13.69 -20.71 25.20
CA ARG A 124 -13.94 -19.41 24.60
C ARG A 124 -13.28 -19.37 23.23
N LEU A 125 -13.85 -18.57 22.34
CA LEU A 125 -13.49 -18.59 20.93
C LEU A 125 -13.32 -17.17 20.42
N VAL A 126 -12.24 -16.91 19.68
CA VAL A 126 -12.01 -15.62 19.01
C VAL A 126 -11.75 -15.91 17.55
N TYR A 127 -12.57 -15.33 16.67
CA TYR A 127 -12.38 -15.47 15.23
C TYR A 127 -12.14 -14.11 14.59
N MET A 128 -11.20 -14.03 13.65
CA MET A 128 -10.93 -12.75 13.00
C MET A 128 -10.64 -12.90 11.51
N GLN A 129 -11.23 -12.00 10.72
CA GLN A 129 -10.85 -11.74 9.33
C GLN A 129 -10.93 -12.97 8.42
N ALA A 130 -12.13 -13.52 8.32
CA ALA A 130 -12.47 -14.46 7.26
C ALA A 130 -13.91 -14.90 7.40
N PRO A 131 -14.62 -15.14 6.31
CA PRO A 131 -15.91 -15.82 6.42
C PRO A 131 -15.74 -17.27 6.84
N ILE A 132 -16.63 -17.72 7.71
CA ILE A 132 -16.83 -19.16 7.83
C ILE A 132 -17.31 -19.67 6.48
N PRO A 133 -16.81 -20.79 5.96
CA PRO A 133 -17.26 -21.23 4.63
C PRO A 133 -18.75 -21.60 4.62
N ASP A 134 -19.53 -20.82 3.86
CA ASP A 134 -20.94 -21.11 3.64
C ASP A 134 -21.38 -20.36 2.39
N ALA A 135 -22.68 -20.39 2.10
CA ALA A 135 -23.19 -19.82 0.85
C ALA A 135 -22.92 -18.32 0.74
N ARG A 136 -22.64 -17.63 1.85
CA ARG A 136 -22.37 -16.20 1.77
C ARG A 136 -21.15 -15.91 0.90
N ILE A 137 -20.18 -16.82 0.84
CA ILE A 137 -18.97 -16.54 0.08
C ILE A 137 -19.27 -16.41 -1.41
N TYR A 138 -20.36 -16.99 -1.88
CA TYR A 138 -20.72 -16.88 -3.29
C TYR A 138 -21.33 -15.54 -3.64
N ARG A 139 -21.54 -14.66 -2.65
CA ARG A 139 -22.15 -13.36 -2.90
C ARG A 139 -21.11 -12.24 -2.94
N PHE A 140 -19.86 -12.54 -2.63
CA PHE A 140 -18.82 -11.51 -2.70
CA PHE A 140 -18.82 -11.51 -2.70
C PHE A 140 -18.53 -11.16 -4.15
N PRO A 141 -18.26 -9.89 -4.46
CA PRO A 141 -18.10 -9.48 -5.86
C PRO A 141 -16.71 -9.80 -6.42
N ALA A 142 -16.70 -10.07 -7.73
CA ALA A 142 -15.45 -10.29 -8.45
C ALA A 142 -14.66 -8.99 -8.63
N PHE A 143 -15.35 -7.86 -8.68
CA PHE A 143 -14.74 -6.59 -9.05
C PHE A 143 -15.54 -5.47 -8.41
N THR A 144 -14.86 -4.45 -7.89
CA THR A 144 -15.56 -3.38 -7.19
C THR A 144 -15.29 -2.02 -7.81
N ALA A 145 -16.16 -1.07 -7.46
N ALA A 145 -16.22 -1.09 -7.54
CA ALA A 145 -16.03 0.29 -7.99
CA ALA A 145 -16.13 0.27 -8.05
C ALA A 145 -14.71 0.94 -7.62
C ALA A 145 -15.08 1.06 -7.31
N GLN A 146 -14.00 0.42 -6.61
N GLN A 146 -14.89 0.77 -6.03
CA GLN A 146 -12.66 0.88 -6.28
CA GLN A 146 -13.94 1.46 -5.17
C GLN A 146 -11.58 0.11 -7.00
C GLN A 146 -13.08 0.42 -4.47
N GLY A 147 -11.89 -1.09 -7.49
N GLY A 147 -11.81 0.75 -4.27
CA GLY A 147 -10.96 -1.95 -8.17
CA GLY A 147 -10.92 -0.21 -3.64
C GLY A 147 -11.07 -3.40 -7.74
C GLY A 147 -10.76 -1.43 -4.51
N GLU A 148 -9.92 -4.05 -7.54
N GLU A 148 -10.68 -2.60 -3.86
CA GLU A 148 -9.93 -5.46 -7.16
CA GLU A 148 -10.45 -3.83 -4.58
C GLU A 148 -10.64 -5.67 -5.82
C GLU A 148 -11.28 -4.96 -3.99
N SER A 149 -11.35 -6.80 -5.71
N SER A 149 -11.80 -5.79 -4.88
CA SER A 149 -12.22 -7.10 -4.59
CA SER A 149 -12.43 -7.06 -4.51
C SER A 149 -11.49 -7.88 -3.50
C SER A 149 -11.58 -7.83 -3.51
N LEU A 150 -12.18 -8.11 -2.36
CA LEU A 150 -11.50 -8.76 -1.25
C LEU A 150 -11.12 -10.20 -1.58
N VAL A 151 -11.96 -10.92 -2.31
CA VAL A 151 -11.76 -12.36 -2.35
C VAL A 151 -11.75 -12.93 -3.76
N TRP A 152 -11.38 -12.12 -4.76
CA TRP A 152 -11.16 -12.72 -6.08
C TRP A 152 -10.08 -13.78 -6.04
N HIS A 153 -9.16 -13.71 -5.08
CA HIS A 153 -8.13 -14.74 -4.96
C HIS A 153 -8.72 -16.12 -4.68
N PHE A 154 -9.96 -16.20 -4.16
CA PHE A 154 -10.60 -17.51 -3.99
C PHE A 154 -10.60 -18.27 -5.30
N SER A 155 -10.99 -17.60 -6.40
CA SER A 155 -11.04 -18.28 -7.69
C SER A 155 -9.65 -18.54 -8.23
N PHE A 156 -8.75 -17.57 -8.11
CA PHE A 156 -7.36 -17.75 -8.56
C PHE A 156 -6.73 -18.97 -7.93
N PHE A 157 -6.86 -19.08 -6.60
CA PHE A 157 -6.21 -20.16 -5.87
C PHE A 157 -6.92 -21.49 -6.09
N ALA A 158 -8.24 -21.46 -6.33
CA ALA A 158 -9.00 -22.70 -6.51
C ALA A 158 -8.94 -23.23 -7.95
N ALA A 159 -8.43 -22.43 -8.89
CA ALA A 159 -8.44 -22.82 -10.30
C ALA A 159 -7.64 -24.10 -10.52
N ASP A 160 -8.05 -24.89 -11.52
CA ASP A 160 -7.36 -26.14 -11.78
C ASP A 160 -6.10 -25.87 -12.63
N ASP A 161 -5.48 -26.93 -13.14
CA ASP A 161 -4.22 -26.86 -13.87
C ASP A 161 -3.08 -26.33 -13.01
N ARG A 162 -3.22 -26.35 -11.68
CA ARG A 162 -2.24 -25.72 -10.79
C ARG A 162 -1.91 -24.29 -11.23
N LEU A 163 -2.95 -23.56 -11.63
CA LEU A 163 -2.74 -22.23 -12.19
C LEU A 163 -1.92 -21.35 -11.25
N ALA A 164 -2.29 -21.30 -9.98
CA ALA A 164 -1.64 -20.36 -9.06
C ALA A 164 -0.19 -20.76 -8.79
N GLU A 165 0.08 -22.05 -8.50
CA GLU A 165 1.48 -22.45 -8.30
C GLU A 165 2.31 -22.21 -9.54
N THR A 166 1.74 -22.50 -10.72
CA THR A 166 2.53 -22.39 -11.94
C THR A 166 2.91 -20.94 -12.19
N LEU A 167 2.01 -20.00 -11.91
CA LEU A 167 2.35 -18.60 -12.13
C LEU A 167 3.21 -18.04 -11.01
N ILE A 168 3.01 -18.48 -9.77
CA ILE A 168 3.68 -17.83 -8.65
C ILE A 168 5.04 -18.43 -8.31
N ALA A 169 5.29 -19.70 -8.65
CA ALA A 169 6.59 -20.30 -8.40
C ALA A 169 7.71 -19.45 -9.02
N GLY A 170 8.75 -19.20 -8.24
CA GLY A 170 9.82 -18.32 -8.65
C GLY A 170 9.56 -16.85 -8.41
N LYS A 171 8.30 -16.47 -8.15
CA LYS A 171 7.90 -15.09 -7.90
C LYS A 171 7.16 -14.97 -6.58
N GLU A 172 7.47 -15.88 -5.63
CA GLU A 172 6.69 -15.96 -4.40
C GLU A 172 6.84 -14.70 -3.56
N ARG A 173 8.05 -14.13 -3.52
CA ARG A 173 8.30 -12.96 -2.70
C ARG A 173 7.59 -11.74 -3.28
N PHE A 174 7.62 -11.59 -4.60
CA PHE A 174 6.84 -10.54 -5.25
C PHE A 174 5.35 -10.70 -4.98
N PHE A 175 4.83 -11.91 -5.17
CA PHE A 175 3.38 -12.07 -5.03
C PHE A 175 2.94 -11.81 -3.59
N LEU A 176 3.70 -12.33 -2.62
CA LEU A 176 3.25 -12.20 -1.24
C LEU A 176 3.26 -10.74 -0.78
N GLU A 177 4.25 -9.95 -1.19
CA GLU A 177 4.23 -8.55 -0.83
C GLU A 177 3.00 -7.87 -1.42
N HIS A 178 2.67 -8.19 -2.67
CA HIS A 178 1.48 -7.59 -3.25
C HIS A 178 0.22 -8.04 -2.52
N PHE A 179 0.09 -9.34 -2.28
CA PHE A 179 -1.10 -9.86 -1.60
C PHE A 179 -1.26 -9.23 -0.23
N ILE A 180 -0.18 -9.20 0.55
CA ILE A 180 -0.29 -8.70 1.91
C ILE A 180 -0.63 -7.21 1.89
N LYS A 181 0.13 -6.42 1.14
CA LYS A 181 -0.12 -4.98 1.17
C LYS A 181 -1.48 -4.62 0.58
N SER A 182 -1.94 -5.36 -0.43
N SER A 182 -1.94 -5.36 -0.43
CA SER A 182 -3.24 -5.05 -1.03
CA SER A 182 -3.25 -5.05 -1.01
C SER A 182 -4.40 -5.35 -0.07
C SER A 182 -4.39 -5.34 -0.07
N HIS A 183 -4.17 -6.18 0.95
CA HIS A 183 -5.15 -6.47 1.97
C HIS A 183 -4.88 -5.74 3.28
N ALA A 184 -4.04 -4.70 3.25
CA ALA A 184 -3.66 -3.97 4.46
C ALA A 184 -4.11 -2.53 4.38
N SER A 185 -4.35 -1.95 5.58
CA SER A 185 -4.51 -0.52 5.77
C SER A 185 -3.19 0.12 6.20
N ASN A 186 -2.57 -0.44 7.24
CA ASN A 186 -1.28 0.02 7.76
C ASN A 186 -0.17 -0.81 7.12
N THR A 187 0.12 -0.49 5.84
CA THR A 187 1.08 -1.28 5.08
C THR A 187 2.50 -1.17 5.62
N GLU A 188 2.81 -0.08 6.32
CA GLU A 188 4.19 0.21 6.74
C GLU A 188 4.76 -0.85 7.69
N VAL A 189 3.91 -1.65 8.35
CA VAL A 189 4.44 -2.67 9.24
C VAL A 189 5.05 -3.84 8.49
N PHE A 190 4.77 -3.95 7.19
CA PHE A 190 5.32 -5.06 6.41
C PHE A 190 6.63 -4.63 5.76
N SER A 191 7.65 -4.59 6.62
CA SER A 191 9.01 -4.34 6.19
C SER A 191 9.48 -5.40 5.21
N GLU A 192 10.49 -5.04 4.40
CA GLU A 192 11.09 -6.01 3.51
C GLU A 192 11.63 -7.21 4.29
N ARG A 193 12.18 -6.96 5.48
CA ARG A 193 12.73 -8.03 6.32
C ARG A 193 11.64 -9.02 6.75
N LEU A 194 10.49 -8.51 7.21
CA LEU A 194 9.38 -9.38 7.61
C LEU A 194 8.80 -10.13 6.41
N LEU A 195 8.64 -9.45 5.28
CA LEU A 195 8.12 -10.11 4.09
C LEU A 195 9.08 -11.20 3.61
N ASP A 196 10.40 -10.97 3.75
CA ASP A 196 11.38 -12.00 3.41
C ASP A 196 11.13 -13.27 4.22
N LEU A 197 10.90 -13.13 5.53
CA LEU A 197 10.68 -14.29 6.38
C LEU A 197 9.45 -15.08 5.94
N TYR A 198 8.33 -14.39 5.73
CA TYR A 198 7.12 -15.10 5.34
C TYR A 198 7.27 -15.71 3.96
N ALA A 199 7.91 -14.99 3.03
CA ALA A 199 8.00 -15.51 1.66
C ALA A 199 8.86 -16.75 1.60
N ARG A 200 9.96 -16.79 2.36
CA ARG A 200 10.84 -17.95 2.33
C ARG A 200 10.09 -19.20 2.76
N SER A 201 9.17 -19.06 3.70
CA SER A 201 8.44 -20.21 4.21
C SER A 201 7.43 -20.73 3.19
N TYR A 202 6.58 -19.86 2.64
CA TYR A 202 5.56 -20.43 1.76
C TYR A 202 6.09 -20.71 0.36
N ALA A 203 7.34 -20.34 0.07
CA ALA A 203 7.97 -20.69 -1.19
C ALA A 203 8.45 -22.14 -1.24
N LYS A 204 8.56 -22.84 -0.10
CA LYS A 204 8.80 -24.28 -0.16
C LYS A 204 7.72 -24.89 -1.06
N PRO A 205 8.09 -25.68 -2.07
CA PRO A 205 7.07 -26.14 -3.04
C PRO A 205 5.87 -26.80 -2.40
N HIS A 206 6.07 -27.65 -1.38
CA HIS A 206 4.90 -28.28 -0.78
C HIS A 206 4.05 -27.28 -0.01
N SER A 207 4.64 -26.17 0.45
CA SER A 207 3.87 -25.14 1.17
C SER A 207 3.12 -24.24 0.21
N LEU A 208 3.72 -23.93 -0.95
CA LEU A 208 3.00 -23.16 -1.96
C LEU A 208 1.78 -23.94 -2.43
N ASN A 209 1.96 -25.23 -2.71
CA ASN A 209 0.82 -26.05 -3.11
C ASN A 209 -0.19 -26.18 -1.98
N ALA A 210 0.27 -26.51 -0.76
CA ALA A 210 -0.65 -26.62 0.37
C ALA A 210 -1.50 -25.36 0.51
N SER A 211 -0.89 -24.19 0.40
CA SER A 211 -1.60 -22.92 0.54
C SER A 211 -2.85 -22.92 -0.34
N PHE A 212 -2.70 -23.32 -1.60
CA PHE A 212 -3.83 -23.23 -2.52
C PHE A 212 -4.78 -24.42 -2.39
N GLU A 213 -4.31 -25.55 -1.86
CA GLU A 213 -5.22 -26.68 -1.68
C GLU A 213 -6.33 -26.36 -0.68
N TYR A 214 -6.06 -25.45 0.28
CA TYR A 214 -7.13 -25.01 1.18
C TYR A 214 -8.27 -24.36 0.39
N TYR A 215 -7.93 -23.65 -0.68
CA TYR A 215 -8.96 -23.00 -1.49
C TYR A 215 -9.61 -23.98 -2.44
N ARG A 216 -8.84 -24.96 -2.94
CA ARG A 216 -9.41 -26.00 -3.78
C ARG A 216 -10.41 -26.86 -3.01
N ALA A 217 -10.33 -26.88 -1.69
CA ALA A 217 -11.26 -27.62 -0.84
C ALA A 217 -12.38 -26.74 -0.29
N LEU A 218 -12.40 -25.45 -0.65
CA LEU A 218 -13.34 -24.52 -0.03
C LEU A 218 -14.80 -24.93 -0.30
N ASN A 219 -15.12 -25.34 -1.52
CA ASN A 219 -16.51 -25.73 -1.79
C ASN A 219 -16.90 -26.97 -1.01
N GLU A 220 -15.97 -27.91 -0.83
CA GLU A 220 -16.25 -29.04 0.05
C GLU A 220 -16.48 -28.58 1.48
N SER A 221 -15.70 -27.60 1.95
CA SER A 221 -15.90 -27.08 3.30
C SER A 221 -17.28 -26.43 3.45
N VAL A 222 -17.71 -25.69 2.42
CA VAL A 222 -19.07 -25.13 2.41
C VAL A 222 -20.10 -26.24 2.57
N ARG A 223 -19.96 -27.31 1.79
CA ARG A 223 -20.92 -28.41 1.86
C ARG A 223 -20.91 -29.08 3.22
N GLN A 224 -19.72 -29.26 3.81
CA GLN A 224 -19.62 -29.80 5.17
C GLN A 224 -20.34 -28.92 6.17
N ASN A 225 -20.08 -27.61 6.11
CA ASN A 225 -20.62 -26.69 7.09
C ASN A 225 -22.13 -26.51 6.97
N ALA A 226 -22.71 -26.78 5.80
CA ALA A 226 -24.16 -26.70 5.67
C ALA A 226 -24.85 -27.68 6.61
N GLU A 227 -24.23 -28.83 6.85
CA GLU A 227 -24.75 -29.79 7.82
C GLU A 227 -24.39 -29.39 9.25
N LEU A 228 -23.13 -29.04 9.47
CA LEU A 228 -22.66 -28.77 10.83
C LEU A 228 -23.39 -27.58 11.45
N ALA A 229 -23.72 -26.58 10.64
CA ALA A 229 -24.29 -25.33 11.15
C ALA A 229 -25.73 -25.50 11.64
N LYS A 230 -26.29 -26.70 11.55
CA LYS A 230 -27.60 -26.94 12.14
C LYS A 230 -27.59 -26.89 13.66
N THR A 231 -26.41 -26.86 14.27
CA THR A 231 -26.24 -26.65 15.71
C THR A 231 -25.46 -25.37 15.91
N ARG A 232 -26.02 -24.42 16.66
CA ARG A 232 -25.32 -23.18 16.95
C ARG A 232 -24.25 -23.38 18.00
N LEU A 233 -23.23 -22.52 17.95
CA LEU A 233 -22.19 -22.49 18.97
C LEU A 233 -22.72 -21.89 20.27
N GLN A 234 -22.38 -22.52 21.40
CA GLN A 234 -22.92 -22.13 22.69
C GLN A 234 -21.93 -21.40 23.58
N MET A 235 -20.63 -21.44 23.28
CA MET A 235 -19.62 -20.87 24.16
C MET A 235 -19.41 -19.39 23.85
N PRO A 236 -18.84 -18.63 24.79
CA PRO A 236 -18.60 -17.20 24.52
C PRO A 236 -17.67 -17.04 23.33
N THR A 237 -18.06 -16.17 22.40
CA THR A 237 -17.33 -15.92 21.17
CA THR A 237 -17.27 -15.92 21.21
C THR A 237 -17.11 -14.42 20.99
N MET A 238 -15.97 -14.06 20.40
CA MET A 238 -15.67 -12.70 20.00
C MET A 238 -15.16 -12.72 18.56
N THR A 239 -15.65 -11.78 17.74
CA THR A 239 -15.12 -11.59 16.39
C THR A 239 -14.36 -10.27 16.33
N LEU A 240 -13.29 -10.27 15.55
CA LEU A 240 -12.56 -9.05 15.22
C LEU A 240 -12.47 -8.92 13.71
N ALA A 241 -12.56 -7.68 13.23
CA ALA A 241 -12.42 -7.39 11.81
C ALA A 241 -11.76 -6.04 11.69
N GLY A 242 -11.03 -5.84 10.60
CA GLY A 242 -10.54 -4.51 10.29
C GLY A 242 -11.63 -3.67 9.64
N GLY A 243 -11.59 -2.36 9.91
CA GLY A 243 -12.49 -1.40 9.28
C GLY A 243 -11.84 -0.65 8.12
N GLY A 244 -10.52 -0.84 7.96
CA GLY A 244 -9.79 -0.20 6.88
C GLY A 244 -9.68 -1.08 5.65
N HIS A 245 -8.80 -0.66 4.73
CA HIS A 245 -8.60 -1.38 3.48
C HIS A 245 -8.19 -2.82 3.76
N GLY A 246 -8.92 -3.78 3.18
CA GLY A 246 -8.65 -5.18 3.41
C GLY A 246 -9.47 -5.79 4.52
N GLY A 247 -10.16 -4.97 5.30
CA GLY A 247 -10.95 -5.47 6.41
C GLY A 247 -12.29 -6.02 5.99
N MET A 248 -12.80 -6.96 6.79
CA MET A 248 -14.13 -7.52 6.57
C MET A 248 -15.24 -6.61 7.06
N GLY A 249 -14.92 -5.61 7.88
CA GLY A 249 -15.95 -4.71 8.35
C GLY A 249 -17.02 -5.43 9.15
N THR A 250 -18.27 -5.01 8.96
CA THR A 250 -19.37 -5.57 9.74
C THR A 250 -19.72 -7.00 9.35
N PHE A 251 -19.21 -7.52 8.23
CA PHE A 251 -19.57 -8.87 7.81
C PHE A 251 -19.17 -9.90 8.86
N GLN A 252 -18.02 -9.72 9.50
CA GLN A 252 -17.52 -10.74 10.41
C GLN A 252 -18.51 -11.04 11.52
N LEU A 253 -18.96 -9.98 12.22
CA LEU A 253 -19.94 -10.15 13.29
C LEU A 253 -21.29 -10.59 12.74
N GLU A 254 -21.72 -10.01 11.61
CA GLU A 254 -23.07 -10.30 11.15
C GLU A 254 -23.22 -11.76 10.74
N GLN A 255 -22.19 -12.32 10.09
CA GLN A 255 -22.22 -13.76 9.82
C GLN A 255 -22.16 -14.57 11.10
N MET A 256 -21.29 -14.18 12.05
CA MET A 256 -21.12 -15.00 13.25
C MET A 256 -22.41 -15.10 14.05
N LYS A 257 -23.28 -14.08 13.99
CA LYS A 257 -24.54 -14.12 14.72
C LYS A 257 -25.42 -15.27 14.26
N ALA A 258 -25.26 -15.73 13.01
CA ALA A 258 -25.98 -16.89 12.54
C ALA A 258 -25.42 -18.18 13.08
N TYR A 259 -24.19 -18.15 13.62
CA TYR A 259 -23.49 -19.33 14.09
C TYR A 259 -23.39 -19.43 15.61
N ALA A 260 -23.53 -18.33 16.33
CA ALA A 260 -23.19 -18.32 17.75
C ALA A 260 -24.28 -17.63 18.56
N GLU A 261 -24.60 -18.21 19.70
CA GLU A 261 -25.61 -17.64 20.59
C GLU A 261 -25.06 -16.44 21.38
N ASP A 262 -23.78 -16.48 21.73
CA ASP A 262 -23.14 -15.51 22.61
C ASP A 262 -21.94 -14.94 21.85
N VAL A 263 -22.12 -13.80 21.19
CA VAL A 263 -21.05 -13.24 20.37
C VAL A 263 -21.01 -11.73 20.54
N GLU A 264 -19.80 -11.21 20.67
CA GLU A 264 -19.57 -9.78 20.63
C GLU A 264 -18.55 -9.52 19.53
N GLY A 265 -18.71 -8.39 18.85
CA GLY A 265 -17.87 -8.10 17.69
C GLY A 265 -17.25 -6.73 17.79
N HIS A 266 -16.07 -6.60 17.20
CA HIS A 266 -15.37 -5.33 17.09
C HIS A 266 -14.85 -5.13 15.69
N VAL A 267 -14.97 -3.90 15.20
CA VAL A 267 -14.33 -3.47 13.96
C VAL A 267 -13.27 -2.45 14.32
N LEU A 268 -12.01 -2.73 13.93
CA LEU A 268 -10.88 -1.91 14.34
C LEU A 268 -10.60 -0.87 13.27
N PRO A 269 -10.79 0.42 13.54
CA PRO A 269 -10.63 1.43 12.48
C PRO A 269 -9.18 1.56 12.07
N GLY A 270 -8.97 1.85 10.79
CA GLY A 270 -7.61 2.04 10.32
C GLY A 270 -6.78 0.79 10.27
N CYS A 271 -7.43 -0.38 10.30
CA CYS A 271 -6.77 -1.67 10.30
C CYS A 271 -7.37 -2.53 9.20
N GLY A 272 -6.52 -3.23 8.46
CA GLY A 272 -6.97 -4.11 7.40
C GLY A 272 -7.13 -5.56 7.79
N HIS A 273 -6.58 -6.46 6.97
CA HIS A 273 -6.68 -7.88 7.23
C HIS A 273 -5.73 -8.37 8.32
N TRP A 274 -4.55 -7.77 8.42
CA TRP A 274 -3.45 -8.38 9.17
C TRP A 274 -3.40 -7.82 10.58
N LEU A 275 -4.49 -8.08 11.33
CA LEU A 275 -4.68 -7.39 12.61
C LEU A 275 -3.52 -7.55 13.59
N PRO A 276 -2.93 -8.72 13.81
CA PRO A 276 -1.85 -8.82 14.81
C PRO A 276 -0.65 -7.92 14.51
N GLU A 277 -0.41 -7.62 13.24
CA GLU A 277 0.72 -6.81 12.86
C GLU A 277 0.35 -5.35 12.59
N GLU A 278 -0.79 -5.11 11.93
CA GLU A 278 -1.21 -3.74 11.62
C GLU A 278 -1.67 -3.00 12.86
N CYS A 279 -2.32 -3.70 13.79
CA CYS A 279 -2.94 -3.05 14.92
C CYS A 279 -2.72 -3.89 16.18
N ALA A 280 -1.44 -4.13 16.48
CA ALA A 280 -1.05 -5.03 17.56
C ALA A 280 -1.62 -4.58 18.91
N ALA A 281 -1.48 -3.29 19.25
CA ALA A 281 -1.91 -2.87 20.58
C ALA A 281 -3.40 -3.09 20.80
N PRO A 282 -4.31 -2.56 19.97
CA PRO A 282 -5.73 -2.78 20.28
C PRO A 282 -6.15 -4.24 20.11
N MET A 283 -5.59 -4.96 19.13
CA MET A 283 -5.99 -6.35 18.92
C MET A 283 -5.53 -7.21 20.09
N ASN A 284 -4.27 -7.08 20.50
CA ASN A 284 -3.80 -7.88 21.63
C ASN A 284 -4.64 -7.62 22.87
N ARG A 285 -4.95 -6.35 23.14
CA ARG A 285 -5.73 -5.99 24.32
C ARG A 285 -7.11 -6.65 24.27
N LEU A 286 -7.77 -6.59 23.11
CA LEU A 286 -9.11 -7.18 23.00
C LEU A 286 -9.07 -8.67 23.27
N VAL A 287 -8.06 -9.36 22.73
CA VAL A 287 -7.96 -10.81 22.88
C VAL A 287 -7.64 -11.18 24.32
N ILE A 288 -6.62 -10.53 24.90
CA ILE A 288 -6.23 -10.84 26.28
C ILE A 288 -7.40 -10.60 27.22
N ASP A 289 -8.08 -9.45 27.09
CA ASP A 289 -9.20 -9.17 27.98
C ASP A 289 -10.31 -10.20 27.81
N PHE A 290 -10.64 -10.55 26.57
CA PHE A 290 -11.75 -11.47 26.36
C PHE A 290 -11.44 -12.84 26.95
N LEU A 291 -10.22 -13.35 26.74
CA LEU A 291 -9.86 -14.66 27.27
C LEU A 291 -9.69 -14.64 28.78
N SER A 292 -9.36 -13.48 29.34
CA SER A 292 -9.15 -13.40 30.78
C SER A 292 -10.45 -13.27 31.57
N ARG A 293 -11.60 -13.25 30.88
CA ARG A 293 -12.87 -13.34 31.59
C ARG A 293 -13.08 -14.72 32.18
N GLY A 294 -12.50 -15.74 31.56
CA GLY A 294 -12.63 -17.11 32.03
C GLY A 294 -11.56 -17.48 33.04
N ALA B 1 7.27 -10.01 -39.99
CA ALA B 1 6.31 -10.90 -40.63
C ALA B 1 4.92 -10.74 -40.02
N GLU B 2 3.92 -11.26 -40.73
CA GLU B 2 2.56 -11.27 -40.20
C GLU B 2 2.45 -12.22 -39.02
N GLU B 3 1.70 -11.81 -38.00
CA GLU B 3 1.52 -12.68 -36.84
C GLU B 3 0.51 -13.79 -37.14
N PHE B 4 -0.40 -13.57 -38.08
CA PHE B 4 -1.44 -14.52 -38.40
C PHE B 4 -1.63 -14.56 -39.91
N PRO B 5 -2.01 -15.71 -40.46
CA PRO B 5 -2.13 -15.80 -41.93
C PRO B 5 -3.34 -15.02 -42.44
N VAL B 6 -3.13 -14.25 -43.49
CA VAL B 6 -4.15 -13.38 -44.08
C VAL B 6 -4.95 -14.20 -45.09
N PRO B 7 -6.29 -14.18 -45.05
CA PRO B 7 -7.07 -14.95 -46.02
C PRO B 7 -6.89 -14.41 -47.43
N ASN B 8 -7.03 -15.31 -48.41
CA ASN B 8 -6.95 -14.91 -49.81
CA ASN B 8 -6.94 -14.89 -49.80
C ASN B 8 -7.95 -13.79 -50.09
N GLY B 9 -7.53 -12.81 -50.89
CA GLY B 9 -8.37 -11.68 -51.21
C GLY B 9 -8.36 -10.56 -50.19
N PHE B 10 -7.64 -10.71 -49.09
CA PHE B 10 -7.54 -9.67 -48.08
C PHE B 10 -6.13 -9.11 -48.05
N GLU B 11 -6.01 -7.89 -47.52
CA GLU B 11 -4.72 -7.23 -47.39
C GLU B 11 -4.48 -6.85 -45.93
N SER B 12 -3.26 -7.07 -45.47
CA SER B 12 -2.79 -6.60 -44.18
C SER B 12 -2.13 -5.24 -44.37
N ALA B 13 -2.57 -4.24 -43.60
CA ALA B 13 -2.13 -2.87 -43.85
C ALA B 13 -2.19 -2.07 -42.56
N TYR B 14 -1.73 -0.82 -42.65
CA TYR B 14 -1.65 0.05 -41.49
C TYR B 14 -2.15 1.44 -41.85
N ARG B 15 -2.74 2.11 -40.85
CA ARG B 15 -3.12 3.51 -40.99
C ARG B 15 -2.76 4.25 -39.70
N GLU B 16 -2.22 5.45 -39.88
CA GLU B 16 -1.94 6.32 -38.74
C GLU B 16 -3.23 7.03 -38.33
N VAL B 17 -3.62 6.91 -37.07
CA VAL B 17 -4.78 7.59 -36.53
C VAL B 17 -4.35 8.32 -35.28
N ASP B 18 -4.39 9.65 -35.31
CA ASP B 18 -3.98 10.45 -34.16
C ASP B 18 -2.60 10.04 -33.66
N GLY B 19 -1.67 9.82 -34.59
CA GLY B 19 -0.31 9.52 -34.21
C GLY B 19 -0.05 8.10 -33.76
N VAL B 20 -1.03 7.21 -33.90
CA VAL B 20 -0.92 5.81 -33.50
C VAL B 20 -1.07 4.96 -34.76
N LYS B 21 -0.10 4.09 -35.01
CA LYS B 21 -0.12 3.24 -36.20
C LYS B 21 -0.95 1.99 -35.92
N LEU B 22 -2.11 1.89 -36.56
CA LEU B 22 -3.04 0.79 -36.32
C LEU B 22 -2.93 -0.24 -37.44
N HIS B 23 -2.85 -1.52 -37.06
CA HIS B 23 -2.86 -2.61 -38.02
C HIS B 23 -4.29 -3.08 -38.26
N TYR B 24 -4.57 -3.47 -39.50
CA TYR B 24 -5.87 -4.06 -39.81
C TYR B 24 -5.73 -4.98 -41.00
N VAL B 25 -6.75 -5.81 -41.20
CA VAL B 25 -6.88 -6.67 -42.36
C VAL B 25 -8.20 -6.33 -43.03
N LYS B 26 -8.16 -6.11 -44.35
CA LYS B 26 -9.28 -5.55 -45.09
C LYS B 26 -9.49 -6.29 -46.41
N GLY B 27 -10.75 -6.52 -46.75
CA GLY B 27 -11.11 -7.12 -48.03
C GLY B 27 -12.57 -6.86 -48.33
N GLY B 28 -12.95 -7.18 -49.57
CA GLY B 28 -14.33 -7.06 -49.98
C GLY B 28 -14.66 -5.72 -50.61
N GLN B 29 -15.93 -5.58 -50.98
CA GLN B 29 -16.44 -4.36 -51.57
C GLN B 29 -17.88 -4.18 -51.10
N GLY B 30 -18.35 -2.94 -51.11
CA GLY B 30 -19.65 -2.61 -50.61
C GLY B 30 -19.57 -1.81 -49.32
N PRO B 31 -20.70 -1.61 -48.64
CA PRO B 31 -20.69 -0.88 -47.37
C PRO B 31 -19.77 -1.53 -46.35
N LEU B 32 -19.27 -0.70 -45.44
CA LEU B 32 -18.22 -1.13 -44.52
C LEU B 32 -18.80 -1.85 -43.30
N VAL B 33 -18.16 -2.96 -42.93
CA VAL B 33 -18.36 -3.61 -41.63
C VAL B 33 -17.01 -3.66 -40.92
N MET B 34 -16.97 -3.11 -39.70
CA MET B 34 -15.77 -3.20 -38.87
C MET B 34 -15.99 -4.25 -37.79
N LEU B 35 -15.04 -5.18 -37.67
CA LEU B 35 -15.08 -6.28 -36.70
C LEU B 35 -13.99 -6.04 -35.67
N VAL B 36 -14.36 -6.01 -34.39
CA VAL B 36 -13.43 -5.60 -33.33
C VAL B 36 -13.28 -6.74 -32.33
N HIS B 37 -12.06 -7.27 -32.23
CA HIS B 37 -11.73 -8.42 -31.40
C HIS B 37 -11.65 -8.06 -29.91
N GLY B 38 -11.41 -9.09 -29.10
CA GLY B 38 -11.29 -8.92 -27.66
C GLY B 38 -10.03 -9.44 -27.02
N PHE B 39 -10.07 -9.61 -25.71
CA PHE B 39 -8.89 -9.98 -24.94
C PHE B 39 -8.40 -11.37 -25.32
N GLY B 40 -7.08 -11.52 -25.38
CA GLY B 40 -6.44 -12.78 -25.69
C GLY B 40 -6.29 -13.04 -27.16
N GLN B 41 -6.86 -12.18 -28.00
CA GLN B 41 -6.96 -12.45 -29.42
C GLN B 41 -6.59 -11.20 -30.20
N THR B 42 -6.79 -11.27 -31.51
CA THR B 42 -6.44 -10.22 -32.45
C THR B 42 -7.51 -10.23 -33.54
N TRP B 43 -7.25 -9.48 -34.62
CA TRP B 43 -8.13 -9.52 -35.79
C TRP B 43 -8.42 -10.95 -36.23
N TYR B 44 -7.48 -11.87 -35.98
CA TYR B 44 -7.56 -13.21 -36.56
C TYR B 44 -8.77 -13.99 -36.07
N GLU B 45 -9.36 -13.63 -34.92
CA GLU B 45 -10.53 -14.40 -34.51
C GLU B 45 -11.66 -14.28 -35.53
N TRP B 46 -11.62 -13.26 -36.39
CA TRP B 46 -12.64 -13.05 -37.39
C TRP B 46 -12.32 -13.70 -38.74
N HIS B 47 -11.25 -14.49 -38.83
CA HIS B 47 -10.76 -14.85 -40.16
C HIS B 47 -11.68 -15.81 -40.90
N GLN B 48 -12.57 -16.52 -40.20
CA GLN B 48 -13.53 -17.37 -40.89
C GLN B 48 -14.76 -16.60 -41.34
N LEU B 49 -15.18 -15.61 -40.55
CA LEU B 49 -16.31 -14.78 -40.92
C LEU B 49 -15.97 -13.83 -42.06
N MET B 50 -14.74 -13.30 -42.07
CA MET B 50 -14.37 -12.25 -43.03
C MET B 50 -14.61 -12.62 -44.49
N PRO B 51 -14.20 -13.78 -45.02
CA PRO B 51 -14.46 -14.08 -46.43
C PRO B 51 -15.94 -14.20 -46.76
N GLU B 52 -16.76 -14.69 -45.83
CA GLU B 52 -18.19 -14.76 -46.08
C GLU B 52 -18.81 -13.36 -46.13
N LEU B 53 -18.46 -12.51 -45.16
CA LEU B 53 -18.96 -11.13 -45.17
C LEU B 53 -18.48 -10.35 -46.39
N ALA B 54 -17.26 -10.64 -46.86
CA ALA B 54 -16.68 -9.89 -47.97
C ALA B 54 -17.42 -10.12 -49.28
N LYS B 55 -18.33 -11.09 -49.35
CA LYS B 55 -19.15 -11.27 -50.53
C LYS B 55 -20.17 -10.14 -50.70
N ARG B 56 -20.53 -9.44 -49.63
CA ARG B 56 -21.51 -8.37 -49.69
C ARG B 56 -21.03 -7.04 -49.10
N PHE B 57 -19.89 -7.02 -48.41
CA PHE B 57 -19.45 -5.84 -47.69
C PHE B 57 -17.96 -5.64 -47.86
N THR B 58 -17.51 -4.41 -47.66
CA THR B 58 -16.11 -4.16 -47.36
C THR B 58 -15.91 -4.47 -45.89
N VAL B 59 -14.94 -5.31 -45.57
CA VAL B 59 -14.72 -5.78 -44.20
C VAL B 59 -13.36 -5.31 -43.72
N ILE B 60 -13.32 -4.69 -42.54
CA ILE B 60 -12.05 -4.31 -41.93
C ILE B 60 -12.03 -4.85 -40.50
N ALA B 61 -10.91 -5.48 -40.14
CA ALA B 61 -10.73 -6.05 -38.81
C ALA B 61 -9.44 -5.47 -38.22
N PRO B 62 -9.53 -4.47 -37.36
CA PRO B 62 -8.32 -3.90 -36.76
C PRO B 62 -7.85 -4.68 -35.55
N ASP B 63 -6.54 -4.56 -35.29
CA ASP B 63 -6.00 -4.92 -33.99
C ASP B 63 -6.21 -3.75 -33.03
N LEU B 64 -6.74 -4.04 -31.84
CA LEU B 64 -6.91 -3.01 -30.83
C LEU B 64 -5.56 -2.37 -30.50
N PRO B 65 -5.55 -1.09 -30.14
CA PRO B 65 -4.29 -0.43 -29.76
C PRO B 65 -3.48 -1.25 -28.76
N GLY B 66 -2.20 -1.43 -29.09
CA GLY B 66 -1.29 -2.18 -28.26
C GLY B 66 -1.33 -3.68 -28.44
N LEU B 67 -2.38 -4.21 -29.08
CA LEU B 67 -2.51 -5.64 -29.31
C LEU B 67 -2.24 -5.96 -30.78
N GLY B 68 -2.02 -7.24 -31.04
CA GLY B 68 -1.67 -7.65 -32.40
C GLY B 68 -0.49 -6.83 -32.89
N GLN B 69 -0.66 -6.23 -34.07
CA GLN B 69 0.40 -5.42 -34.67
C GLN B 69 0.09 -3.91 -34.60
N SER B 70 -0.84 -3.49 -33.73
CA SER B 70 -1.14 -2.07 -33.54
C SER B 70 -0.32 -1.45 -32.42
N GLU B 71 0.11 -0.21 -32.66
CA GLU B 71 0.81 0.54 -31.62
C GLU B 71 -0.10 0.83 -30.44
N PRO B 72 0.46 0.95 -29.24
CA PRO B 72 -0.33 1.34 -28.07
C PRO B 72 -0.97 2.70 -28.27
N PRO B 73 -2.07 2.97 -27.57
CA PRO B 73 -2.65 4.31 -27.64
C PRO B 73 -1.73 5.33 -27.00
N LYS B 74 -1.79 6.55 -27.53
CA LYS B 74 -1.03 7.66 -26.95
C LYS B 74 -1.85 8.48 -25.97
N THR B 75 -3.16 8.26 -25.92
CA THR B 75 -4.01 8.94 -24.94
C THR B 75 -4.20 8.04 -23.72
N GLY B 76 -4.93 6.96 -23.87
CA GLY B 76 -5.13 6.05 -22.75
C GLY B 76 -5.96 4.87 -23.21
N TYR B 77 -6.29 4.00 -22.24
CA TYR B 77 -6.98 2.75 -22.53
C TYR B 77 -8.44 2.74 -22.12
N SER B 78 -8.98 3.85 -21.62
CA SER B 78 -10.39 3.91 -21.30
C SER B 78 -11.22 3.79 -22.57
N GLY B 79 -12.47 3.36 -22.40
CA GLY B 79 -13.34 3.13 -23.55
C GLY B 79 -13.48 4.36 -24.44
N GLU B 80 -13.67 5.53 -23.83
CA GLU B 80 -13.83 6.73 -24.65
C GLU B 80 -12.57 7.08 -25.41
N GLN B 81 -11.39 6.84 -24.81
CA GLN B 81 -10.15 7.15 -25.50
C GLN B 81 -9.90 6.20 -26.66
N VAL B 82 -10.10 4.90 -26.44
CA VAL B 82 -9.81 3.94 -27.49
C VAL B 82 -10.82 4.06 -28.61
N ALA B 83 -12.07 4.36 -28.27
CA ALA B 83 -13.12 4.45 -29.27
C ALA B 83 -12.81 5.53 -30.31
N VAL B 84 -12.11 6.59 -29.92
CA VAL B 84 -11.74 7.62 -30.88
C VAL B 84 -10.91 7.02 -32.01
N TYR B 85 -9.93 6.18 -31.66
CA TYR B 85 -9.08 5.58 -32.68
C TYR B 85 -9.89 4.70 -33.63
N LEU B 86 -10.80 3.89 -33.07
CA LEU B 86 -11.57 2.98 -33.91
C LEU B 86 -12.57 3.74 -34.77
N HIS B 87 -13.19 4.79 -34.22
CA HIS B 87 -14.13 5.59 -35.00
C HIS B 87 -13.42 6.28 -36.16
N LYS B 88 -12.28 6.91 -35.88
CA LYS B 88 -11.57 7.62 -36.95
C LYS B 88 -11.02 6.64 -37.99
N LEU B 89 -10.57 5.47 -37.56
CA LEU B 89 -10.13 4.47 -38.53
C LEU B 89 -11.28 4.09 -39.47
N ALA B 90 -12.46 3.80 -38.90
CA ALA B 90 -13.59 3.43 -39.74
C ALA B 90 -13.96 4.55 -40.70
N ARG B 91 -13.94 5.80 -40.22
CA ARG B 91 -14.30 6.94 -41.06
CA ARG B 91 -14.32 6.90 -41.08
C ARG B 91 -13.32 7.16 -42.20
N GLN B 92 -12.06 6.72 -42.05
CA GLN B 92 -11.13 6.82 -43.18
C GLN B 92 -11.61 5.97 -44.35
N PHE B 93 -12.32 4.89 -44.08
CA PHE B 93 -12.76 4.00 -45.14
C PHE B 93 -14.22 4.15 -45.50
N SER B 94 -15.05 4.69 -44.60
CA SER B 94 -16.46 4.95 -44.88
C SER B 94 -16.82 6.38 -44.46
N PRO B 95 -16.23 7.39 -45.11
CA PRO B 95 -16.50 8.77 -44.70
C PRO B 95 -17.89 9.27 -45.03
N ASP B 96 -18.58 8.68 -46.00
CA ASP B 96 -19.82 9.24 -46.54
C ASP B 96 -21.03 8.36 -46.29
N ARG B 97 -20.88 7.29 -45.52
CA ARG B 97 -21.95 6.32 -45.36
C ARG B 97 -21.80 5.74 -43.97
N PRO B 98 -22.91 5.48 -43.26
CA PRO B 98 -22.79 4.77 -41.98
C PRO B 98 -22.25 3.37 -42.20
N PHE B 99 -21.57 2.86 -41.18
CA PHE B 99 -20.95 1.55 -41.27
C PHE B 99 -21.53 0.63 -40.20
N ASP B 100 -21.35 -0.67 -40.40
CA ASP B 100 -21.76 -1.66 -39.41
C ASP B 100 -20.60 -1.98 -38.46
N LEU B 101 -20.97 -2.40 -37.25
CA LEU B 101 -20.00 -2.68 -36.21
C LEU B 101 -20.33 -4.01 -35.56
N VAL B 102 -19.35 -4.90 -35.52
CA VAL B 102 -19.44 -6.18 -34.80
C VAL B 102 -18.29 -6.19 -33.78
N ALA B 103 -18.61 -6.47 -32.52
CA ALA B 103 -17.58 -6.44 -31.49
C ALA B 103 -17.75 -7.56 -30.48
N HIS B 104 -16.62 -8.11 -30.03
CA HIS B 104 -16.54 -9.26 -29.14
C HIS B 104 -15.74 -8.86 -27.90
N ASP B 105 -16.25 -9.19 -26.71
CA ASP B 105 -15.49 -9.04 -25.46
C ASP B 105 -15.10 -7.56 -25.28
N ILE B 106 -13.83 -7.23 -25.01
CA ILE B 106 -13.49 -5.83 -24.75
C ILE B 106 -13.59 -4.97 -26.00
N GLY B 107 -13.81 -5.58 -27.17
CA GLY B 107 -14.19 -4.80 -28.33
C GLY B 107 -15.45 -3.98 -28.09
N ILE B 108 -16.37 -4.50 -27.27
CA ILE B 108 -17.53 -3.73 -26.83
C ILE B 108 -17.10 -2.51 -26.03
N TRP B 109 -16.24 -2.72 -25.03
CA TRP B 109 -15.81 -1.60 -24.18
C TRP B 109 -15.21 -0.49 -25.02
N ASN B 110 -14.47 -0.87 -26.05
CA ASN B 110 -13.69 0.05 -26.86
C ASN B 110 -14.48 0.65 -28.00
N THR B 111 -15.75 0.28 -28.18
CA THR B 111 -16.56 0.87 -29.24
C THR B 111 -17.82 1.55 -28.76
N TYR B 112 -18.38 1.13 -27.62
CA TYR B 112 -19.66 1.69 -27.17
C TYR B 112 -19.65 3.22 -27.12
N PRO B 113 -18.61 3.89 -26.58
CA PRO B 113 -18.66 5.36 -26.58
C PRO B 113 -18.77 5.98 -27.95
N MET B 114 -18.09 5.43 -28.97
CA MET B 114 -18.21 6.09 -30.26
C MET B 114 -19.54 5.74 -30.94
N VAL B 115 -20.14 4.60 -30.61
CA VAL B 115 -21.48 4.31 -31.12
C VAL B 115 -22.48 5.29 -30.55
N VAL B 116 -22.46 5.50 -29.23
CA VAL B 116 -23.49 6.35 -28.62
C VAL B 116 -23.27 7.82 -28.99
N LYS B 117 -22.03 8.24 -29.20
CA LYS B 117 -21.76 9.63 -29.54
C LYS B 117 -21.85 9.93 -31.03
N ASN B 118 -21.87 8.92 -31.90
CA ASN B 118 -21.91 9.13 -33.35
C ASN B 118 -22.94 8.20 -33.98
N GLN B 119 -24.19 8.28 -33.51
CA GLN B 119 -25.18 7.27 -33.91
C GLN B 119 -25.46 7.30 -35.40
N ALA B 120 -25.41 8.49 -36.02
CA ALA B 120 -25.67 8.59 -37.46
C ALA B 120 -24.62 7.85 -38.27
N ASP B 121 -23.45 7.57 -37.70
CA ASP B 121 -22.38 6.85 -38.38
C ASP B 121 -22.53 5.33 -38.30
N ILE B 122 -23.42 4.82 -37.47
CA ILE B 122 -23.53 3.39 -37.19
C ILE B 122 -24.81 2.88 -37.82
N ALA B 123 -24.71 2.02 -38.83
CA ALA B 123 -25.92 1.52 -39.48
C ALA B 123 -26.55 0.40 -38.65
N ARG B 124 -25.80 -0.68 -38.40
CA ARG B 124 -26.27 -1.79 -37.58
C ARG B 124 -25.15 -2.23 -36.64
N LEU B 125 -25.52 -2.79 -35.49
CA LEU B 125 -24.62 -3.07 -34.40
C LEU B 125 -24.78 -4.52 -33.92
N VAL B 126 -23.68 -5.26 -33.79
CA VAL B 126 -23.69 -6.60 -33.22
C VAL B 126 -22.68 -6.64 -32.07
N TYR B 127 -23.16 -6.99 -30.88
CA TYR B 127 -22.32 -7.08 -29.69
C TYR B 127 -22.39 -8.50 -29.14
N MET B 128 -21.24 -9.09 -28.79
CA MET B 128 -21.24 -10.45 -28.27
C MET B 128 -20.26 -10.63 -27.12
N GLN B 129 -20.71 -11.33 -26.08
CA GLN B 129 -19.84 -11.90 -25.04
C GLN B 129 -19.00 -10.86 -24.30
N ALA B 130 -19.68 -9.88 -23.69
CA ALA B 130 -19.10 -9.02 -22.66
C ALA B 130 -20.13 -8.02 -22.18
N PRO B 131 -20.09 -7.63 -20.91
CA PRO B 131 -20.94 -6.53 -20.47
C PRO B 131 -20.43 -5.21 -21.04
N ILE B 132 -21.37 -4.35 -21.43
CA ILE B 132 -20.99 -2.94 -21.52
C ILE B 132 -20.57 -2.48 -20.13
N PRO B 133 -19.47 -1.75 -19.98
CA PRO B 133 -19.02 -1.38 -18.62
C PRO B 133 -20.04 -0.49 -17.92
N ASP B 134 -20.68 -1.01 -16.89
CA ASP B 134 -21.60 -0.24 -16.06
C ASP B 134 -21.69 -0.94 -14.71
N ALA B 135 -22.57 -0.42 -13.85
CA ALA B 135 -22.61 -0.92 -12.47
C ALA B 135 -22.98 -2.39 -12.40
N ARG B 136 -23.54 -2.97 -13.47
CA ARG B 136 -23.89 -4.39 -13.41
C ARG B 136 -22.66 -5.26 -13.22
N ILE B 137 -21.48 -4.79 -13.64
CA ILE B 137 -20.31 -5.66 -13.52
C ILE B 137 -19.92 -5.86 -12.05
N TYR B 138 -20.40 -5.00 -11.16
CA TYR B 138 -20.06 -5.14 -9.74
C TYR B 138 -20.89 -6.21 -9.05
N ARG B 139 -21.85 -6.83 -9.74
CA ARG B 139 -22.66 -7.91 -9.20
C ARG B 139 -22.13 -9.30 -9.51
N PHE B 140 -21.21 -9.44 -10.47
CA PHE B 140 -20.69 -10.76 -10.79
CA PHE B 140 -20.69 -10.76 -10.79
C PHE B 140 -19.93 -11.32 -9.60
N PRO B 141 -20.05 -12.62 -9.31
CA PRO B 141 -19.42 -13.19 -8.12
C PRO B 141 -17.93 -13.48 -8.28
N ALA B 142 -17.23 -13.35 -7.15
CA ALA B 142 -15.80 -13.65 -7.07
C ALA B 142 -15.52 -15.15 -7.12
N PHE B 143 -16.48 -15.97 -6.71
CA PHE B 143 -16.28 -17.41 -6.55
C PHE B 143 -17.64 -18.09 -6.65
N THR B 144 -17.66 -19.32 -7.15
CA THR B 144 -18.91 -20.04 -7.35
C THR B 144 -18.82 -21.43 -6.73
N ALA B 145 -20.00 -22.04 -6.50
CA ALA B 145 -20.08 -23.37 -5.94
C ALA B 145 -19.46 -24.44 -6.85
N GLN B 146 -19.12 -24.11 -8.09
CA GLN B 146 -18.49 -25.05 -9.00
C GLN B 146 -17.01 -24.76 -9.22
N GLY B 147 -16.46 -23.74 -8.57
CA GLY B 147 -15.07 -23.39 -8.76
C GLY B 147 -14.94 -21.95 -9.22
N GLU B 148 -13.89 -21.71 -10.01
CA GLU B 148 -13.55 -20.33 -10.38
C GLU B 148 -14.68 -19.70 -11.19
N SER B 149 -14.88 -18.40 -10.96
CA SER B 149 -15.98 -17.64 -11.54
C SER B 149 -15.62 -17.08 -12.91
N LEU B 150 -16.62 -16.53 -13.59
CA LEU B 150 -16.44 -16.04 -14.95
C LEU B 150 -15.51 -14.84 -15.02
N VAL B 151 -15.63 -13.89 -14.08
CA VAL B 151 -14.91 -12.63 -14.30
C VAL B 151 -14.01 -12.24 -13.14
N TRP B 152 -13.53 -13.20 -12.35
CA TRP B 152 -12.50 -12.83 -11.37
C TRP B 152 -11.28 -12.23 -12.03
N HIS B 153 -11.06 -12.52 -13.32
CA HIS B 153 -9.91 -11.95 -14.01
C HIS B 153 -10.00 -10.44 -14.12
N PHE B 154 -11.19 -9.84 -14.01
CA PHE B 154 -11.28 -8.38 -13.97
C PHE B 154 -10.35 -7.81 -12.90
N SER B 155 -10.38 -8.41 -11.71
CA SER B 155 -9.56 -7.92 -10.59
C SER B 155 -8.09 -8.30 -10.77
N PHE B 156 -7.81 -9.52 -11.23
CA PHE B 156 -6.43 -9.94 -11.50
C PHE B 156 -5.75 -8.99 -12.47
N PHE B 157 -6.45 -8.66 -13.55
CA PHE B 157 -5.87 -7.83 -14.61
C PHE B 157 -5.79 -6.37 -14.22
N ALA B 158 -6.74 -5.88 -13.40
CA ALA B 158 -6.74 -4.49 -12.99
C ALA B 158 -5.79 -4.20 -11.82
N ALA B 159 -5.31 -5.24 -11.13
CA ALA B 159 -4.42 -5.04 -9.99
C ALA B 159 -3.19 -4.23 -10.39
N ASP B 160 -2.66 -3.48 -9.42
CA ASP B 160 -1.44 -2.71 -9.69
C ASP B 160 -0.19 -3.58 -9.50
N ASP B 161 0.97 -2.92 -9.35
CA ASP B 161 2.26 -3.60 -9.26
C ASP B 161 2.58 -4.45 -10.50
N ARG B 162 1.90 -4.19 -11.63
CA ARG B 162 2.00 -5.07 -12.81
C ARG B 162 1.84 -6.53 -12.41
N LEU B 163 0.87 -6.81 -11.53
CA LEU B 163 0.69 -8.15 -11.00
C LEU B 163 0.55 -9.17 -12.11
N ALA B 164 -0.33 -8.91 -13.07
CA ALA B 164 -0.61 -9.90 -14.11
C ALA B 164 0.57 -10.08 -15.05
N GLU B 165 1.19 -8.97 -15.51
CA GLU B 165 2.36 -9.10 -16.37
C GLU B 165 3.48 -9.86 -15.66
N THR B 166 3.68 -9.56 -14.37
CA THR B 166 4.81 -10.15 -13.66
C THR B 166 4.59 -11.65 -13.45
N LEU B 167 3.35 -12.05 -13.13
CA LEU B 167 3.10 -13.48 -12.93
C LEU B 167 3.00 -14.25 -14.24
N ILE B 168 2.54 -13.61 -15.32
CA ILE B 168 2.31 -14.34 -16.56
C ILE B 168 3.55 -14.39 -17.46
N ALA B 169 4.45 -13.41 -17.35
CA ALA B 169 5.65 -13.45 -18.19
C ALA B 169 6.43 -14.75 -17.98
N GLY B 170 6.87 -15.36 -19.08
CA GLY B 170 7.46 -16.68 -19.06
C GLY B 170 6.46 -17.82 -19.05
N LYS B 171 5.19 -17.52 -18.84
CA LYS B 171 4.12 -18.51 -18.78
C LYS B 171 2.96 -18.05 -19.63
N GLU B 172 3.24 -17.31 -20.71
CA GLU B 172 2.17 -16.67 -21.47
C GLU B 172 1.28 -17.70 -22.16
N ARG B 173 1.89 -18.71 -22.77
CA ARG B 173 1.10 -19.75 -23.44
C ARG B 173 0.30 -20.55 -22.43
N PHE B 174 0.94 -20.94 -21.32
CA PHE B 174 0.23 -21.67 -20.27
C PHE B 174 -0.98 -20.90 -19.80
N PHE B 175 -0.81 -19.61 -19.50
CA PHE B 175 -1.94 -18.85 -18.96
C PHE B 175 -3.04 -18.70 -20.00
N LEU B 176 -2.67 -18.34 -21.22
CA LEU B 176 -3.70 -18.08 -22.23
C LEU B 176 -4.48 -19.35 -22.54
N GLU B 177 -3.79 -20.50 -22.59
CA GLU B 177 -4.50 -21.76 -22.79
C GLU B 177 -5.48 -22.01 -21.66
N HIS B 178 -5.05 -21.79 -20.41
CA HIS B 178 -5.99 -21.97 -19.30
C HIS B 178 -7.14 -20.98 -19.40
N PHE B 179 -6.84 -19.72 -19.71
CA PHE B 179 -7.89 -18.71 -19.79
C PHE B 179 -8.90 -19.05 -20.88
N ILE B 180 -8.42 -19.43 -22.06
CA ILE B 180 -9.32 -19.79 -23.14
C ILE B 180 -10.18 -20.99 -22.75
N LYS B 181 -9.55 -22.06 -22.25
CA LYS B 181 -10.33 -23.26 -21.98
C LYS B 181 -11.29 -23.07 -20.81
N SER B 182 -10.92 -22.28 -19.81
CA SER B 182 -11.84 -22.06 -18.70
C SER B 182 -13.05 -21.22 -19.09
N HIS B 183 -12.99 -20.53 -20.22
CA HIS B 183 -14.13 -19.76 -20.72
C HIS B 183 -14.75 -20.37 -21.96
N ALA B 184 -14.40 -21.62 -22.27
CA ALA B 184 -14.91 -22.32 -23.45
C ALA B 184 -15.87 -23.44 -23.07
N SER B 185 -16.80 -23.73 -23.97
CA SER B 185 -17.51 -25.00 -23.97
C SER B 185 -16.82 -26.01 -24.90
N ASN B 186 -16.36 -25.53 -26.04
CA ASN B 186 -15.77 -26.38 -27.08
C ASN B 186 -14.29 -26.06 -27.16
N THR B 187 -13.47 -26.84 -26.44
CA THR B 187 -12.04 -26.58 -26.42
C THR B 187 -11.32 -27.20 -27.61
N GLU B 188 -11.95 -28.15 -28.31
CA GLU B 188 -11.27 -28.85 -29.39
C GLU B 188 -10.92 -27.93 -30.56
N VAL B 189 -11.60 -26.80 -30.70
CA VAL B 189 -11.30 -25.91 -31.81
C VAL B 189 -9.99 -25.15 -31.63
N PHE B 190 -9.39 -25.24 -30.45
CA PHE B 190 -8.17 -24.51 -30.13
C PHE B 190 -6.99 -25.46 -30.28
N SER B 191 -6.50 -25.57 -31.51
CA SER B 191 -5.36 -26.41 -31.83
C SER B 191 -4.09 -25.86 -31.20
N GLU B 192 -3.06 -26.72 -31.18
CA GLU B 192 -1.73 -26.29 -30.76
C GLU B 192 -1.25 -25.09 -31.56
N ARG B 193 -1.45 -25.11 -32.87
CA ARG B 193 -0.98 -24.01 -33.70
C ARG B 193 -1.74 -22.71 -33.39
N LEU B 194 -3.06 -22.80 -33.22
CA LEU B 194 -3.84 -21.60 -32.93
C LEU B 194 -3.46 -21.00 -31.59
N LEU B 195 -3.31 -21.85 -30.56
CA LEU B 195 -2.89 -21.35 -29.26
C LEU B 195 -1.50 -20.74 -29.33
N ASP B 196 -0.59 -21.38 -30.08
CA ASP B 196 0.75 -20.85 -30.30
CA ASP B 196 0.75 -20.84 -30.26
C ASP B 196 0.69 -19.45 -30.90
N LEU B 197 -0.13 -19.27 -31.93
CA LEU B 197 -0.21 -18.00 -32.62
C LEU B 197 -0.71 -16.89 -31.70
N TYR B 198 -1.79 -17.16 -30.94
CA TYR B 198 -2.29 -16.13 -30.04
C TYR B 198 -1.33 -15.86 -28.90
N ALA B 199 -0.67 -16.92 -28.39
CA ALA B 199 0.25 -16.71 -27.27
C ALA B 199 1.44 -15.88 -27.68
N ARG B 200 2.00 -16.14 -28.87
CA ARG B 200 3.14 -15.36 -29.32
C ARG B 200 2.78 -13.88 -29.48
N SER B 201 1.56 -13.60 -29.93
CA SER B 201 1.17 -12.21 -30.15
C SER B 201 1.05 -11.46 -28.82
N TYR B 202 0.27 -12.00 -27.88
CA TYR B 202 0.06 -11.20 -26.67
C TYR B 202 1.24 -11.30 -25.71
N ALA B 203 2.22 -12.19 -25.98
CA ALA B 203 3.42 -12.24 -25.16
C ALA B 203 4.41 -11.12 -25.45
N LYS B 204 4.29 -10.43 -26.60
CA LYS B 204 5.09 -9.23 -26.82
C LYS B 204 4.96 -8.33 -25.59
N PRO B 205 6.06 -7.88 -24.98
CA PRO B 205 5.92 -7.16 -23.70
C PRO B 205 4.94 -5.99 -23.74
N HIS B 206 4.93 -5.20 -24.82
CA HIS B 206 3.98 -4.09 -24.85
C HIS B 206 2.56 -4.57 -25.06
N SER B 207 2.36 -5.77 -25.63
CA SER B 207 1.00 -6.28 -25.83
C SER B 207 0.49 -6.96 -24.56
N LEU B 208 1.38 -7.61 -23.81
CA LEU B 208 0.99 -8.17 -22.53
C LEU B 208 0.51 -7.06 -21.60
N ASN B 209 1.28 -5.97 -21.53
CA ASN B 209 0.86 -4.82 -20.72
C ASN B 209 -0.42 -4.19 -21.28
N ALA B 210 -0.49 -3.97 -22.59
CA ALA B 210 -1.68 -3.34 -23.15
C ALA B 210 -2.92 -4.15 -22.79
N SER B 211 -2.81 -5.48 -22.84
CA SER B 211 -3.95 -6.36 -22.53
C SER B 211 -4.57 -5.99 -21.19
N PHE B 212 -3.72 -5.77 -20.18
CA PHE B 212 -4.26 -5.52 -18.85
C PHE B 212 -4.58 -4.05 -18.60
N GLU B 213 -3.99 -3.13 -19.37
CA GLU B 213 -4.34 -1.73 -19.19
C GLU B 213 -5.81 -1.47 -19.53
N TYR B 214 -6.39 -2.24 -20.45
CA TYR B 214 -7.84 -2.13 -20.70
C TYR B 214 -8.62 -2.38 -19.41
N TYR B 215 -8.14 -3.30 -18.57
CA TYR B 215 -8.83 -3.61 -17.32
C TYR B 215 -8.49 -2.61 -16.22
N ARG B 216 -7.27 -2.10 -16.21
CA ARG B 216 -6.92 -1.03 -15.26
C ARG B 216 -7.71 0.24 -15.54
N ALA B 217 -8.28 0.37 -16.75
CA ALA B 217 -9.15 1.51 -17.07
C ALA B 217 -10.63 1.18 -16.96
N LEU B 218 -10.99 -0.03 -16.52
CA LEU B 218 -12.40 -0.46 -16.57
C LEU B 218 -13.29 0.41 -15.69
N ASN B 219 -12.85 0.74 -14.47
CA ASN B 219 -13.73 1.58 -13.63
C ASN B 219 -13.86 2.98 -14.22
N GLU B 220 -12.81 3.51 -14.83
CA GLU B 220 -12.94 4.77 -15.51
C GLU B 220 -13.93 4.67 -16.66
N SER B 221 -13.92 3.54 -17.38
CA SER B 221 -14.88 3.33 -18.46
C SER B 221 -16.31 3.27 -17.92
N VAL B 222 -16.52 2.58 -16.79
CA VAL B 222 -17.84 2.58 -16.14
C VAL B 222 -18.31 4.00 -15.86
N ARG B 223 -17.42 4.84 -15.31
CA ARG B 223 -17.84 6.20 -14.97
C ARG B 223 -18.12 7.02 -16.21
N GLN B 224 -17.32 6.85 -17.27
CA GLN B 224 -17.62 7.51 -18.54
C GLN B 224 -18.99 7.10 -19.05
N ASN B 225 -19.27 5.80 -18.99
CA ASN B 225 -20.49 5.28 -19.58
C ASN B 225 -21.72 5.71 -18.79
N ALA B 226 -21.58 5.98 -17.50
CA ALA B 226 -22.71 6.45 -16.72
C ALA B 226 -23.28 7.74 -17.29
N GLU B 227 -22.44 8.59 -17.86
CA GLU B 227 -22.93 9.80 -18.49
C GLU B 227 -23.38 9.55 -19.93
N LEU B 228 -22.63 8.76 -20.68
CA LEU B 228 -22.97 8.52 -22.08
C LEU B 228 -24.32 7.82 -22.21
N ALA B 229 -24.64 6.93 -21.28
CA ALA B 229 -25.83 6.09 -21.40
C ALA B 229 -27.12 6.86 -21.17
N LYS B 230 -27.06 8.15 -20.84
CA LYS B 230 -28.27 8.95 -20.80
C LYS B 230 -28.93 9.04 -22.17
N THR B 231 -28.19 8.72 -23.23
CA THR B 231 -28.70 8.69 -24.59
C THR B 231 -28.80 7.25 -25.06
N ARG B 232 -30.02 6.78 -25.33
CA ARG B 232 -30.24 5.42 -25.80
C ARG B 232 -29.73 5.25 -27.23
N LEU B 233 -29.41 4.00 -27.58
CA LEU B 233 -29.03 3.63 -28.93
C LEU B 233 -30.27 3.39 -29.78
N GLN B 234 -30.30 3.98 -30.97
CA GLN B 234 -31.47 3.91 -31.83
C GLN B 234 -31.31 2.99 -33.04
N MET B 235 -30.10 2.57 -33.37
CA MET B 235 -29.91 1.76 -34.57
C MET B 235 -30.25 0.28 -34.29
N PRO B 236 -30.57 -0.48 -35.33
CA PRO B 236 -30.83 -1.91 -35.14
C PRO B 236 -29.62 -2.61 -34.53
N THR B 237 -29.87 -3.39 -33.47
CA THR B 237 -28.83 -4.06 -32.70
CA THR B 237 -28.80 -4.07 -32.76
C THR B 237 -29.16 -5.54 -32.55
N MET B 238 -28.12 -6.36 -32.51
CA MET B 238 -28.24 -7.78 -32.20
C MET B 238 -27.19 -8.14 -31.17
N THR B 239 -27.58 -8.91 -30.15
CA THR B 239 -26.62 -9.47 -29.21
C THR B 239 -26.51 -10.97 -29.43
N LEU B 240 -25.29 -11.50 -29.24
CA LEU B 240 -25.06 -12.94 -29.21
C LEU B 240 -24.35 -13.30 -27.93
N ALA B 241 -24.68 -14.46 -27.36
CA ALA B 241 -24.03 -14.94 -26.16
C ALA B 241 -24.03 -16.45 -26.18
N GLY B 242 -23.02 -17.05 -25.56
CA GLY B 242 -23.02 -18.50 -25.39
C GLY B 242 -23.96 -18.92 -24.28
N GLY B 243 -24.56 -20.10 -24.44
CA GLY B 243 -25.39 -20.66 -23.40
C GLY B 243 -24.68 -21.72 -22.58
N GLY B 244 -23.48 -22.10 -23.02
CA GLY B 244 -22.68 -23.09 -22.32
C GLY B 244 -21.69 -22.46 -21.36
N HIS B 245 -20.78 -23.30 -20.87
CA HIS B 245 -19.74 -22.83 -19.95
C HIS B 245 -18.93 -21.73 -20.60
N GLY B 246 -18.72 -20.63 -19.87
CA GLY B 246 -18.08 -19.44 -20.40
C GLY B 246 -19.02 -18.44 -21.03
N GLY B 247 -20.28 -18.80 -21.26
CA GLY B 247 -21.19 -17.89 -21.92
C GLY B 247 -21.81 -16.88 -20.98
N MET B 248 -22.18 -15.73 -21.54
CA MET B 248 -22.94 -14.74 -20.77
C MET B 248 -24.40 -15.09 -20.59
N GLY B 249 -24.92 -16.06 -21.34
CA GLY B 249 -26.32 -16.42 -21.18
C GLY B 249 -27.24 -15.25 -21.47
N THR B 250 -28.33 -15.16 -20.71
CA THR B 250 -29.33 -14.13 -20.94
C THR B 250 -28.84 -12.74 -20.58
N PHE B 251 -27.73 -12.62 -19.85
CA PHE B 251 -27.26 -11.29 -19.42
C PHE B 251 -27.02 -10.37 -20.60
N GLN B 252 -26.46 -10.89 -21.70
CA GLN B 252 -26.08 -10.03 -22.82
C GLN B 252 -27.28 -9.26 -23.37
N LEU B 253 -28.35 -9.97 -23.71
CA LEU B 253 -29.54 -9.30 -24.23
C LEU B 253 -30.21 -8.45 -23.16
N GLU B 254 -30.26 -8.97 -21.93
CA GLU B 254 -31.01 -8.24 -20.91
C GLU B 254 -30.35 -6.90 -20.59
N GLN B 255 -29.02 -6.89 -20.50
CA GLN B 255 -28.32 -5.61 -20.36
C GLN B 255 -28.58 -4.71 -21.56
N MET B 256 -28.47 -5.28 -22.77
CA MET B 256 -28.59 -4.43 -23.97
C MET B 256 -29.96 -3.79 -24.06
N LYS B 257 -31.00 -4.44 -23.54
CA LYS B 257 -32.34 -3.84 -23.54
C LYS B 257 -32.36 -2.51 -22.80
N ALA B 258 -31.47 -2.31 -21.83
CA ALA B 258 -31.42 -1.02 -21.14
C ALA B 258 -30.74 0.05 -21.98
N TYR B 259 -29.98 -0.35 -22.99
CA TYR B 259 -29.22 0.57 -23.83
C TYR B 259 -29.83 0.82 -25.20
N ALA B 260 -30.58 -0.14 -25.76
CA ALA B 260 -30.97 -0.08 -27.16
C ALA B 260 -32.48 -0.24 -27.29
N GLU B 261 -33.08 0.63 -28.09
CA GLU B 261 -34.51 0.58 -28.34
C GLU B 261 -34.90 -0.58 -29.26
N ASP B 262 -34.02 -0.94 -30.19
CA ASP B 262 -34.30 -1.91 -31.26
C ASP B 262 -33.23 -2.99 -31.15
N VAL B 263 -33.51 -4.05 -30.40
CA VAL B 263 -32.51 -5.07 -30.13
C VAL B 263 -33.15 -6.45 -30.22
N GLU B 264 -32.46 -7.37 -30.88
CA GLU B 264 -32.80 -8.79 -30.87
C GLU B 264 -31.60 -9.55 -30.34
N GLY B 265 -31.85 -10.68 -29.71
CA GLY B 265 -30.78 -11.41 -29.05
C GLY B 265 -30.90 -12.89 -29.30
N HIS B 266 -29.74 -13.56 -29.25
CA HIS B 266 -29.68 -15.01 -29.32
C HIS B 266 -28.68 -15.54 -28.31
N VAL B 267 -29.06 -16.63 -27.67
CA VAL B 267 -28.18 -17.41 -26.82
C VAL B 267 -27.92 -18.73 -27.55
N LEU B 268 -26.66 -19.11 -27.70
CA LEU B 268 -26.31 -20.29 -28.48
C LEU B 268 -26.01 -21.45 -27.54
N PRO B 269 -26.88 -22.45 -27.42
CA PRO B 269 -26.59 -23.57 -26.52
C PRO B 269 -25.36 -24.32 -27.02
N GLY B 270 -24.60 -24.86 -26.08
CA GLY B 270 -23.41 -25.63 -26.43
C GLY B 270 -22.21 -24.80 -26.82
N CYS B 271 -22.25 -23.50 -26.60
CA CYS B 271 -21.19 -22.56 -26.96
C CYS B 271 -20.81 -21.74 -25.75
N GLY B 272 -19.51 -21.47 -25.62
CA GLY B 272 -19.00 -20.62 -24.55
C GLY B 272 -18.69 -19.20 -24.97
N HIS B 273 -17.51 -18.73 -24.57
CA HIS B 273 -17.17 -17.32 -24.81
C HIS B 273 -16.67 -17.07 -26.23
N TRP B 274 -15.93 -18.01 -26.79
CA TRP B 274 -15.15 -17.75 -27.99
C TRP B 274 -15.96 -18.01 -29.25
N LEU B 275 -17.08 -17.30 -29.38
CA LEU B 275 -18.09 -17.68 -30.37
C LEU B 275 -17.57 -17.79 -31.79
N PRO B 276 -16.72 -16.89 -32.31
CA PRO B 276 -16.27 -17.05 -33.71
C PRO B 276 -15.51 -18.33 -33.97
N GLU B 277 -14.91 -18.92 -32.94
CA GLU B 277 -14.16 -20.16 -33.08
C GLU B 277 -14.90 -21.38 -32.55
N GLU B 278 -15.49 -21.26 -31.35
CA GLU B 278 -16.24 -22.38 -30.79
C GLU B 278 -17.47 -22.72 -31.61
N CYS B 279 -18.13 -21.70 -32.15
CA CYS B 279 -19.41 -21.90 -32.80
C CYS B 279 -19.47 -21.05 -34.06
N ALA B 280 -18.45 -21.25 -34.91
CA ALA B 280 -18.24 -20.39 -36.08
C ALA B 280 -19.45 -20.39 -36.99
N ALA B 281 -19.97 -21.58 -37.34
CA ALA B 281 -21.00 -21.60 -38.39
C ALA B 281 -22.28 -20.90 -37.96
N PRO B 282 -22.89 -21.21 -36.80
CA PRO B 282 -24.13 -20.48 -36.47
C PRO B 282 -23.90 -19.03 -36.13
N MET B 283 -22.77 -18.68 -35.51
CA MET B 283 -22.47 -17.28 -35.26
C MET B 283 -22.32 -16.52 -36.57
N ASN B 284 -21.58 -17.07 -37.52
CA ASN B 284 -21.43 -16.42 -38.83
C ASN B 284 -22.80 -16.23 -39.47
N ARG B 285 -23.62 -17.27 -39.47
CA ARG B 285 -24.94 -17.18 -40.10
CA ARG B 285 -24.93 -17.16 -40.13
C ARG B 285 -25.77 -16.05 -39.49
N LEU B 286 -25.81 -16.00 -38.16
CA LEU B 286 -26.64 -14.99 -37.51
C LEU B 286 -26.13 -13.57 -37.79
N VAL B 287 -24.82 -13.38 -37.81
CA VAL B 287 -24.28 -12.07 -38.12
C VAL B 287 -24.56 -11.69 -39.58
N ILE B 288 -24.30 -12.61 -40.50
CA ILE B 288 -24.50 -12.29 -41.91
C ILE B 288 -25.96 -11.96 -42.19
N ASP B 289 -26.87 -12.80 -41.67
CA ASP B 289 -28.30 -12.53 -41.87
C ASP B 289 -28.71 -11.19 -41.29
N PHE B 290 -28.26 -10.89 -40.07
CA PHE B 290 -28.66 -9.64 -39.44
C PHE B 290 -28.16 -8.43 -40.22
N LEU B 291 -26.92 -8.49 -40.69
CA LEU B 291 -26.37 -7.37 -41.43
C LEU B 291 -26.90 -7.29 -42.85
N SER B 292 -27.41 -8.39 -43.41
CA SER B 292 -27.83 -8.38 -44.81
C SER B 292 -29.28 -7.93 -44.97
N ARG B 293 -30.01 -7.73 -43.89
CA ARG B 293 -31.34 -7.12 -43.98
C ARG B 293 -31.22 -5.63 -44.25
N ALA C 1 6.12 16.28 -26.28
CA ALA C 1 5.96 17.70 -25.97
C ALA C 1 5.06 17.88 -24.75
N GLU C 2 4.11 16.97 -24.54
CA GLU C 2 3.22 17.01 -23.39
C GLU C 2 3.60 15.93 -22.40
N GLU C 3 3.64 16.29 -21.11
CA GLU C 3 3.96 15.32 -20.08
C GLU C 3 2.79 14.38 -19.80
N PHE C 4 1.56 14.81 -20.03
CA PHE C 4 0.36 14.04 -19.73
C PHE C 4 -0.65 14.24 -20.86
N PRO C 5 -1.45 13.22 -21.15
CA PRO C 5 -2.39 13.33 -22.28
C PRO C 5 -3.55 14.26 -21.94
N VAL C 6 -3.85 15.15 -22.87
CA VAL C 6 -4.90 16.15 -22.69
C VAL C 6 -6.24 15.52 -23.02
N PRO C 7 -7.28 15.72 -22.21
CA PRO C 7 -8.59 15.13 -22.54
C PRO C 7 -9.11 15.71 -23.84
N ASN C 8 -9.92 14.91 -24.53
CA ASN C 8 -10.52 15.35 -25.79
C ASN C 8 -11.27 16.66 -25.59
N GLY C 9 -11.04 17.61 -26.50
CA GLY C 9 -11.70 18.89 -26.41
C GLY C 9 -11.05 19.91 -25.51
N PHE C 10 -9.93 19.57 -24.88
CA PHE C 10 -9.17 20.50 -24.06
C PHE C 10 -7.90 20.90 -24.81
N GLU C 11 -7.35 22.05 -24.44
CA GLU C 11 -6.10 22.52 -25.03
C GLU C 11 -5.05 22.68 -23.95
N SER C 12 -3.81 22.34 -24.29
CA SER C 12 -2.64 22.64 -23.49
C SER C 12 -2.04 23.94 -23.99
N ALA C 13 -1.84 24.89 -23.07
CA ALA C 13 -1.38 26.22 -23.45
C ALA C 13 -0.51 26.81 -22.34
N TYR C 14 0.06 27.98 -22.62
CA TYR C 14 0.93 28.68 -21.68
C TYR C 14 0.53 30.13 -21.60
N ARG C 15 0.70 30.72 -20.42
CA ARG C 15 0.44 32.15 -20.24
C ARG C 15 1.53 32.73 -19.36
N GLU C 16 2.25 33.72 -19.89
CA GLU C 16 3.23 34.45 -19.09
C GLU C 16 2.51 35.35 -18.09
N VAL C 17 2.81 35.17 -16.80
CA VAL C 17 2.22 35.95 -15.73
C VAL C 17 3.36 36.49 -14.87
N ASP C 18 3.50 37.82 -14.82
CA ASP C 18 4.57 38.45 -14.04
C ASP C 18 5.93 37.81 -14.36
N GLY C 19 6.19 37.61 -15.65
CA GLY C 19 7.46 37.09 -16.09
C GLY C 19 7.66 35.60 -15.95
N VAL C 20 6.64 34.86 -15.54
CA VAL C 20 6.72 33.42 -15.33
C VAL C 20 5.76 32.74 -16.28
N LYS C 21 6.26 31.79 -17.06
CA LYS C 21 5.45 31.09 -18.05
C LYS C 21 4.75 29.93 -17.37
N LEU C 22 3.44 30.02 -17.21
CA LEU C 22 2.65 28.98 -16.55
C LEU C 22 2.00 28.09 -17.61
N HIS C 23 2.08 26.78 -17.40
CA HIS C 23 1.36 25.84 -18.25
C HIS C 23 -0.03 25.59 -17.66
N TYR C 24 -1.02 25.46 -18.54
CA TYR C 24 -2.35 25.07 -18.06
C TYR C 24 -3.05 24.24 -19.13
N VAL C 25 -4.10 23.56 -18.71
CA VAL C 25 -4.99 22.85 -19.62
C VAL C 25 -6.38 23.44 -19.44
N LYS C 26 -7.06 23.72 -20.55
CA LYS C 26 -8.28 24.52 -20.53
C LYS C 26 -9.31 23.94 -21.48
N GLY C 27 -10.57 23.97 -21.06
CA GLY C 27 -11.65 23.57 -21.95
C GLY C 27 -12.98 23.97 -21.36
N GLY C 28 -14.02 23.87 -22.19
CA GLY C 28 -15.37 24.14 -21.73
C GLY C 28 -15.79 25.57 -21.95
N GLN C 29 -17.00 25.87 -21.47
CA GLN C 29 -17.65 27.14 -21.70
C GLN C 29 -18.47 27.48 -20.47
N GLY C 30 -18.56 28.78 -20.16
CA GLY C 30 -19.30 29.23 -19.02
C GLY C 30 -18.41 29.87 -17.96
N PRO C 31 -18.94 30.05 -16.75
CA PRO C 31 -18.14 30.63 -15.67
C PRO C 31 -16.89 29.80 -15.42
N LEU C 32 -15.85 30.48 -14.95
CA LEU C 32 -14.54 29.84 -14.81
C LEU C 32 -14.41 29.09 -13.50
N VAL C 33 -13.85 27.88 -13.58
CA VAL C 33 -13.38 27.12 -12.42
C VAL C 33 -11.90 26.84 -12.61
N MET C 34 -11.08 27.20 -11.62
CA MET C 34 -9.66 26.88 -11.64
C MET C 34 -9.41 25.74 -10.66
N LEU C 35 -8.72 24.68 -11.14
CA LEU C 35 -8.38 23.50 -10.34
C LEU C 35 -6.88 23.51 -10.11
N VAL C 36 -6.44 23.47 -8.84
CA VAL C 36 -5.04 23.64 -8.49
C VAL C 36 -4.53 22.39 -7.77
N HIS C 37 -3.56 21.72 -8.40
CA HIS C 37 -3.03 20.44 -7.94
C HIS C 37 -2.07 20.60 -6.75
N GLY C 38 -1.62 19.45 -6.22
CA GLY C 38 -0.69 19.42 -5.09
C GLY C 38 0.64 18.74 -5.34
N PHE C 39 1.38 18.48 -4.26
CA PHE C 39 2.71 17.88 -4.34
C PHE C 39 2.68 16.49 -4.93
N GLY C 40 3.69 16.18 -5.75
CA GLY C 40 3.83 14.89 -6.39
C GLY C 40 3.05 14.77 -7.68
N GLN C 41 2.21 15.76 -8.00
CA GLN C 41 1.33 15.66 -9.15
C GLN C 41 1.36 16.94 -9.96
N THR C 42 0.43 17.04 -10.92
CA THR C 42 0.35 18.14 -11.86
C THR C 42 -1.13 18.38 -12.13
N TRP C 43 -1.42 19.21 -13.13
CA TRP C 43 -2.80 19.39 -13.59
C TRP C 43 -3.50 18.05 -13.82
N TYR C 44 -2.73 17.01 -14.17
CA TYR C 44 -3.32 15.76 -14.63
C TYR C 44 -4.14 15.06 -13.55
N GLU C 45 -3.93 15.38 -12.26
CA GLU C 45 -4.78 14.72 -11.28
C GLU C 45 -6.25 15.04 -11.49
N TRP C 46 -6.54 16.15 -12.19
CA TRP C 46 -7.90 16.59 -12.43
C TRP C 46 -8.50 16.05 -13.71
N HIS C 47 -7.79 15.21 -14.48
CA HIS C 47 -8.21 14.96 -15.86
C HIS C 47 -9.50 14.16 -15.97
N GLN C 48 -9.93 13.47 -14.91
CA GLN C 48 -11.24 12.79 -14.96
C GLN C 48 -12.38 13.71 -14.57
N LEU C 49 -12.13 14.68 -13.68
CA LEU C 49 -13.14 15.63 -13.28
C LEU C 49 -13.36 16.70 -14.34
N MET C 50 -12.29 17.07 -15.04
CA MET C 50 -12.37 18.19 -15.99
C MET C 50 -13.43 18.04 -17.07
N PRO C 51 -13.59 16.89 -17.74
CA PRO C 51 -14.62 16.82 -18.79
C PRO C 51 -16.03 16.98 -18.26
N GLU C 52 -16.28 16.53 -17.02
CA GLU C 52 -17.60 16.66 -16.42
C GLU C 52 -17.92 18.10 -16.09
N LEU C 53 -16.97 18.80 -15.46
CA LEU C 53 -17.14 20.22 -15.18
C LEU C 53 -17.27 21.03 -16.46
N ALA C 54 -16.57 20.65 -17.52
CA ALA C 54 -16.58 21.44 -18.74
C ALA C 54 -17.94 21.43 -19.45
N LYS C 55 -18.87 20.58 -19.03
CA LYS C 55 -20.22 20.65 -19.58
C LYS C 55 -20.98 21.87 -19.07
N ARG C 56 -20.50 22.48 -17.98
CA ARG C 56 -21.17 23.62 -17.36
C ARG C 56 -20.26 24.82 -17.14
N PHE C 57 -18.94 24.63 -17.14
CA PHE C 57 -17.99 25.66 -16.76
C PHE C 57 -16.87 25.73 -17.78
N THR C 58 -16.22 26.90 -17.85
CA THR C 58 -14.88 26.97 -18.42
C THR C 58 -13.90 26.47 -17.35
N VAL C 59 -13.10 25.46 -17.67
CA VAL C 59 -12.24 24.80 -16.70
C VAL C 59 -10.79 25.08 -17.06
N ILE C 60 -10.00 25.54 -16.08
CA ILE C 60 -8.56 25.72 -16.28
CA ILE C 60 -8.56 25.73 -16.27
C ILE C 60 -7.83 25.01 -15.15
N ALA C 61 -6.82 24.23 -15.51
CA ALA C 61 -6.01 23.49 -14.54
C ALA C 61 -4.55 23.83 -14.80
N PRO C 62 -3.97 24.74 -14.01
CA PRO C 62 -2.55 25.10 -14.21
C PRO C 62 -1.61 24.14 -13.49
N ASP C 63 -0.38 24.09 -13.99
CA ASP C 63 0.73 23.51 -13.23
C ASP C 63 1.30 24.58 -12.30
N LEU C 64 1.48 24.24 -11.03
CA LEU C 64 2.09 25.16 -10.07
C LEU C 64 3.47 25.59 -10.55
N PRO C 65 3.89 26.83 -10.24
CA PRO C 65 5.22 27.28 -10.65
C PRO C 65 6.31 26.28 -10.28
N GLY C 66 7.14 25.95 -11.28
CA GLY C 66 8.22 25.01 -11.11
C GLY C 66 7.84 23.56 -11.31
N LEU C 67 6.56 23.23 -11.22
CA LEU C 67 6.08 21.86 -11.36
C LEU C 67 5.40 21.69 -12.72
N GLY C 68 5.20 20.42 -13.11
CA GLY C 68 4.68 20.15 -14.45
C GLY C 68 5.49 20.88 -15.50
N GLN C 69 4.80 21.63 -16.37
CA GLN C 69 5.44 22.36 -17.44
C GLN C 69 5.48 23.88 -17.18
N SER C 70 5.32 24.29 -15.92
CA SER C 70 5.38 25.71 -15.55
C SER C 70 6.77 26.09 -15.08
N GLU C 71 7.19 27.30 -15.46
CA GLU C 71 8.46 27.84 -15.00
C GLU C 71 8.41 28.11 -13.48
N PRO C 72 9.56 28.05 -12.81
CA PRO C 72 9.60 28.41 -11.38
C PRO C 72 9.21 29.86 -11.15
N PRO C 73 8.74 30.17 -9.95
CA PRO C 73 8.39 31.56 -9.64
C PRO C 73 9.64 32.42 -9.59
N LYS C 74 9.46 33.71 -9.90
CA LYS C 74 10.57 34.64 -9.85
C LYS C 74 10.66 35.37 -8.50
N THR C 75 9.56 35.43 -7.75
CA THR C 75 9.54 36.08 -6.45
C THR C 75 9.93 35.08 -5.36
N GLY C 76 9.10 34.08 -5.15
CA GLY C 76 9.39 33.06 -4.15
C GLY C 76 8.27 32.04 -4.09
N TYR C 77 8.41 31.11 -3.16
CA TYR C 77 7.51 29.96 -3.04
C TYR C 77 6.55 30.03 -1.86
N SER C 78 6.55 31.15 -1.11
CA SER C 78 5.57 31.28 -0.04
C SER C 78 4.17 31.40 -0.62
N GLY C 79 3.17 31.11 0.21
CA GLY C 79 1.81 31.07 -0.29
C GLY C 79 1.37 32.38 -0.91
N GLU C 80 1.70 33.49 -0.24
CA GLU C 80 1.27 34.79 -0.73
C GLU C 80 1.95 35.13 -2.05
N GLN C 81 3.22 34.74 -2.23
CA GLN C 81 3.91 35.01 -3.47
C GLN C 81 3.34 34.19 -4.62
N VAL C 82 3.13 32.88 -4.37
CA VAL C 82 2.65 32.02 -5.45
C VAL C 82 1.21 32.37 -5.79
N ALA C 83 0.42 32.75 -4.79
CA ALA C 83 -0.99 33.05 -5.06
C ALA C 83 -1.15 34.21 -6.05
N VAL C 84 -0.21 35.16 -6.06
CA VAL C 84 -0.29 36.25 -7.03
C VAL C 84 -0.36 35.69 -8.45
N TYR C 85 0.51 34.72 -8.75
CA TYR C 85 0.53 34.15 -10.09
C TYR C 85 -0.80 33.51 -10.43
N LEU C 86 -1.35 32.71 -9.50
CA LEU C 86 -2.57 31.97 -9.78
C LEU C 86 -3.77 32.91 -9.86
N HIS C 87 -3.80 33.95 -9.01
CA HIS C 87 -4.90 34.90 -9.08
C HIS C 87 -4.89 35.66 -10.41
N LYS C 88 -3.72 36.16 -10.81
CA LYS C 88 -3.62 36.88 -12.07
C LYS C 88 -3.95 35.98 -13.26
N LEU C 89 -3.48 34.73 -13.25
CA LEU C 89 -3.82 33.80 -14.33
C LEU C 89 -5.34 33.65 -14.47
N ALA C 90 -6.02 33.37 -13.36
CA ALA C 90 -7.47 33.19 -13.45
C ALA C 90 -8.14 34.47 -13.92
N ARG C 91 -7.70 35.62 -13.43
CA ARG C 91 -8.32 36.88 -13.81
C ARG C 91 -8.03 37.26 -15.26
N GLN C 92 -7.05 36.64 -15.92
CA GLN C 92 -6.91 36.86 -17.36
C GLN C 92 -8.10 36.29 -18.11
N PHE C 93 -8.66 35.20 -17.61
CA PHE C 93 -9.75 34.51 -18.31
C PHE C 93 -11.12 34.81 -17.70
N SER C 94 -11.17 35.39 -16.51
CA SER C 94 -12.42 35.86 -15.91
C SER C 94 -12.19 37.24 -15.31
N PRO C 95 -11.94 38.25 -16.15
CA PRO C 95 -11.61 39.58 -15.61
C PRO C 95 -12.81 40.34 -15.05
N ASP C 96 -14.03 39.97 -15.44
CA ASP C 96 -15.22 40.75 -15.10
C ASP C 96 -16.21 39.99 -14.24
N ARG C 97 -15.87 38.78 -13.80
CA ARG C 97 -16.79 37.97 -13.00
C ARG C 97 -15.97 37.13 -12.03
N PRO C 98 -16.52 36.83 -10.86
CA PRO C 98 -15.82 35.92 -9.94
C PRO C 98 -15.73 34.52 -10.53
N PHE C 99 -14.71 33.79 -10.10
CA PHE C 99 -14.48 32.43 -10.56
C PHE C 99 -14.52 31.48 -9.37
N ASP C 100 -14.65 30.18 -9.67
CA ASP C 100 -14.61 29.13 -8.64
C ASP C 100 -13.19 28.57 -8.52
N LEU C 101 -12.89 28.03 -7.34
CA LEU C 101 -11.57 27.50 -7.05
C LEU C 101 -11.70 26.14 -6.40
N VAL C 102 -10.96 25.16 -6.91
CA VAL C 102 -10.80 23.86 -6.29
C VAL C 102 -9.31 23.64 -6.10
N ALA C 103 -8.90 23.23 -4.89
CA ALA C 103 -7.47 23.07 -4.64
C ALA C 103 -7.21 21.87 -3.74
N HIS C 104 -6.09 21.19 -4.00
CA HIS C 104 -5.72 19.93 -3.35
C HIS C 104 -4.32 20.10 -2.79
N ASP C 105 -4.13 19.75 -1.51
CA ASP C 105 -2.79 19.66 -0.92
C ASP C 105 -2.13 21.04 -0.98
N ILE C 106 -0.91 21.18 -1.50
CA ILE C 106 -0.27 22.50 -1.46
C ILE C 106 -0.96 23.48 -2.40
N GLY C 107 -1.89 23.02 -3.24
CA GLY C 107 -2.76 23.96 -3.93
C GLY C 107 -3.51 24.87 -2.99
N ILE C 108 -3.81 24.38 -1.77
CA ILE C 108 -4.42 25.22 -0.74
C ILE C 108 -3.45 26.30 -0.30
N TRP C 109 -2.20 25.91 0.00
CA TRP C 109 -1.23 26.87 0.48
C TRP C 109 -1.04 27.99 -0.52
N ASN C 110 -1.10 27.65 -1.79
CA ASN C 110 -0.76 28.57 -2.86
C ASN C 110 -1.96 29.35 -3.36
N THR C 111 -3.14 29.17 -2.76
CA THR C 111 -4.31 29.94 -3.15
C THR C 111 -4.96 30.68 -1.99
N TYR C 112 -4.85 30.19 -0.75
CA TYR C 112 -5.55 30.85 0.36
C TYR C 112 -5.27 32.35 0.42
N PRO C 113 -4.03 32.83 0.28
CA PRO C 113 -3.82 34.29 0.38
C PRO C 113 -4.56 35.08 -0.68
N MET C 114 -4.66 34.59 -1.90
CA MET C 114 -5.37 35.39 -2.88
C MET C 114 -6.89 35.29 -2.70
N VAL C 115 -7.38 34.22 -2.06
CA VAL C 115 -8.80 34.15 -1.74
C VAL C 115 -9.18 35.18 -0.69
N VAL C 116 -8.39 35.26 0.39
CA VAL C 116 -8.76 36.17 1.47
C VAL C 116 -8.50 37.63 1.08
N LYS C 117 -7.51 37.89 0.22
CA LYS C 117 -7.24 39.26 -0.21
C LYS C 117 -8.12 39.72 -1.37
N ASN C 118 -8.80 38.81 -2.07
CA ASN C 118 -9.65 39.19 -3.19
C ASN C 118 -10.97 38.43 -3.11
N GLN C 119 -11.68 38.58 -1.98
CA GLN C 119 -12.83 37.69 -1.74
C GLN C 119 -13.92 37.87 -2.79
N ALA C 120 -14.08 39.10 -3.31
CA ALA C 120 -15.10 39.35 -4.33
C ALA C 120 -14.84 38.60 -5.62
N ASP C 121 -13.60 38.15 -5.84
CA ASP C 121 -13.23 37.44 -7.06
C ASP C 121 -13.53 35.95 -7.00
N ILE C 122 -13.85 35.40 -5.83
CA ILE C 122 -14.02 33.97 -5.61
C ILE C 122 -15.49 33.70 -5.33
N ALA C 123 -16.17 33.04 -6.28
CA ALA C 123 -17.58 32.73 -6.10
C ALA C 123 -17.79 31.59 -5.10
N ARG C 124 -17.13 30.45 -5.34
CA ARG C 124 -17.23 29.27 -4.49
C ARG C 124 -15.87 28.61 -4.40
N LEU C 125 -15.62 27.92 -3.28
CA LEU C 125 -14.30 27.43 -2.94
C LEU C 125 -14.40 25.99 -2.45
N VAL C 126 -13.53 25.11 -2.98
CA VAL C 126 -13.43 23.73 -2.54
C VAL C 126 -11.98 23.45 -2.19
N TYR C 127 -11.72 23.06 -0.94
CA TYR C 127 -10.39 22.71 -0.47
C TYR C 127 -10.36 21.27 -0.01
N MET C 128 -9.30 20.53 -0.38
CA MET C 128 -9.22 19.13 0.01
C MET C 128 -7.80 18.76 0.42
N GLN C 129 -7.69 18.03 1.53
CA GLN C 129 -6.49 17.26 1.89
C GLN C 129 -5.22 18.12 2.02
N ALA C 130 -5.29 19.09 2.92
CA ALA C 130 -4.09 19.75 3.46
C ALA C 130 -4.48 20.76 4.50
N PRO C 131 -3.65 20.97 5.52
CA PRO C 131 -3.89 22.11 6.41
C PRO C 131 -3.60 23.42 5.68
N ILE C 132 -4.45 24.42 5.92
CA ILE C 132 -4.01 25.78 5.64
C ILE C 132 -2.81 26.07 6.53
N PRO C 133 -1.72 26.66 6.03
CA PRO C 133 -0.56 26.86 6.91
C PRO C 133 -0.88 27.79 8.06
N ASP C 134 -0.86 27.26 9.28
CA ASP C 134 -0.97 28.04 10.50
C ASP C 134 -0.34 27.24 11.63
N ALA C 135 -0.46 27.74 12.86
CA ALA C 135 0.22 27.13 14.00
C ALA C 135 -0.23 25.70 14.27
N ARG C 136 -1.38 25.28 13.70
CA ARG C 136 -1.83 23.91 13.90
C ARG C 136 -0.85 22.90 13.31
N ILE C 137 -0.10 23.28 12.28
CA ILE C 137 0.87 22.38 11.64
CA ILE C 137 0.80 22.29 11.68
C ILE C 137 1.92 21.91 12.63
N TYR C 138 2.21 22.72 13.64
CA TYR C 138 3.23 22.38 14.62
C TYR C 138 2.75 21.39 15.68
N ARG C 139 1.47 21.01 15.65
CA ARG C 139 0.94 20.05 16.62
C ARG C 139 0.84 18.63 16.05
N PHE C 140 1.10 18.44 14.78
CA PHE C 140 1.08 17.10 14.21
CA PHE C 140 1.08 17.10 14.21
C PHE C 140 2.27 16.31 14.73
N PRO C 141 2.11 15.01 14.98
CA PRO C 141 3.18 14.21 15.58
C PRO C 141 4.21 13.76 14.56
N ALA C 142 5.46 13.64 15.04
CA ALA C 142 6.55 13.09 14.25
C ALA C 142 6.39 11.59 14.02
N PHE C 143 5.75 10.89 14.95
CA PHE C 143 5.76 9.43 14.94
C PHE C 143 4.50 8.94 15.64
N THR C 144 3.83 7.94 15.07
CA THR C 144 2.55 7.49 15.61
C THR C 144 2.61 6.03 16.04
N ALA C 145 1.66 5.65 16.89
N ALA C 145 1.73 5.68 16.98
CA ALA C 145 1.58 4.27 17.36
CA ALA C 145 1.67 4.33 17.52
C ALA C 145 1.35 3.28 16.23
C ALA C 145 1.05 3.35 16.53
N GLN C 146 0.94 3.75 15.05
N GLN C 146 0.16 3.85 15.70
CA GLN C 146 0.92 2.91 13.87
CA GLN C 146 -0.49 3.04 14.67
C GLN C 146 2.23 2.97 13.09
C GLN C 146 -0.51 3.85 13.38
N GLY C 147 3.00 4.04 13.29
N GLY C 147 -0.46 3.15 12.26
CA GLY C 147 4.30 4.24 12.66
CA GLY C 147 -0.35 3.86 11.00
C GLY C 147 4.45 5.59 11.97
C GLY C 147 0.99 4.58 10.90
N GLU C 148 4.49 5.55 10.64
N GLU C 148 1.00 5.68 10.17
CA GLU C 148 4.59 6.77 9.84
CA GLU C 148 2.21 6.46 10.00
C GLU C 148 3.49 7.76 10.20
C GLU C 148 1.89 7.95 10.11
N SER C 149 3.87 9.02 10.39
N SER C 149 2.79 8.68 10.75
CA SER C 149 2.91 10.09 10.61
CA SER C 149 2.74 10.14 10.75
C SER C 149 2.56 10.76 9.28
C SER C 149 2.49 10.69 9.36
N LEU C 150 1.45 11.52 9.27
CA LEU C 150 1.02 12.10 8.01
C LEU C 150 2.01 13.12 7.48
N VAL C 151 2.69 13.88 8.34
CA VAL C 151 3.40 15.03 7.81
C VAL C 151 4.84 15.12 8.30
N TRP C 152 5.46 13.99 8.67
CA TRP C 152 6.89 14.04 8.91
C TRP C 152 7.65 14.53 7.68
N HIS C 153 7.09 14.35 6.48
CA HIS C 153 7.74 14.84 5.27
C HIS C 153 7.89 16.36 5.28
N PHE C 154 7.07 17.09 6.05
CA PHE C 154 7.27 18.54 6.16
C PHE C 154 8.70 18.84 6.55
N SER C 155 9.22 18.13 7.56
CA SER C 155 10.59 18.40 8.02
C SER C 155 11.63 17.92 7.02
N PHE C 156 11.40 16.75 6.42
CA PHE C 156 12.33 16.21 5.42
C PHE C 156 12.48 17.17 4.25
N PHE C 157 11.35 17.64 3.73
CA PHE C 157 11.35 18.49 2.55
C PHE C 157 11.86 19.90 2.87
N ALA C 158 11.65 20.38 4.10
CA ALA C 158 12.07 21.72 4.48
C ALA C 158 13.52 21.80 4.94
N ALA C 159 14.18 20.66 5.18
CA ALA C 159 15.52 20.64 5.72
C ALA C 159 16.50 21.38 4.81
N ASP C 160 17.50 22.02 5.41
CA ASP C 160 18.47 22.76 4.59
C ASP C 160 19.47 21.78 3.97
N ASP C 161 20.53 22.31 3.36
CA ASP C 161 21.54 21.52 2.64
C ASP C 161 20.95 20.78 1.46
N ARG C 162 19.76 21.17 0.99
CA ARG C 162 19.08 20.46 -0.09
C ARG C 162 19.00 18.97 0.21
N LEU C 163 18.68 18.65 1.46
CA LEU C 163 18.70 17.26 1.92
C LEU C 163 17.80 16.39 1.05
N ALA C 164 16.56 16.80 0.83
CA ALA C 164 15.61 15.95 0.12
C ALA C 164 16.00 15.77 -1.35
N GLU C 165 16.35 16.86 -2.03
CA GLU C 165 16.77 16.73 -3.44
C GLU C 165 18.01 15.84 -3.55
N THR C 166 18.96 15.99 -2.63
CA THR C 166 20.20 15.26 -2.75
C THR C 166 19.98 13.77 -2.56
N LEU C 167 19.10 13.40 -1.63
CA LEU C 167 18.82 11.99 -1.41
C LEU C 167 17.93 11.40 -2.49
N ILE C 168 16.99 12.18 -3.01
CA ILE C 168 16.00 11.62 -3.94
C ILE C 168 16.47 11.65 -5.39
N ALA C 169 17.41 12.52 -5.75
CA ALA C 169 17.95 12.54 -7.11
C ALA C 169 18.44 11.15 -7.52
N GLY C 170 18.01 10.71 -8.70
CA GLY C 170 18.32 9.37 -9.17
C GLY C 170 17.41 8.28 -8.63
N LYS C 171 16.56 8.60 -7.64
CA LYS C 171 15.62 7.65 -7.07
C LYS C 171 14.21 8.23 -7.08
N GLU C 172 13.90 9.09 -8.05
CA GLU C 172 12.66 9.85 -8.01
C GLU C 172 11.44 8.94 -8.19
N ARG C 173 11.56 7.96 -9.09
CA ARG C 173 10.44 7.06 -9.37
C ARG C 173 10.16 6.15 -8.18
N PHE C 174 11.22 5.64 -7.55
CA PHE C 174 11.07 4.88 -6.31
C PHE C 174 10.42 5.73 -5.23
N PHE C 175 10.93 6.95 -5.02
CA PHE C 175 10.42 7.74 -3.90
C PHE C 175 8.94 8.08 -4.11
N LEU C 176 8.57 8.48 -5.33
CA LEU C 176 7.21 8.94 -5.52
C LEU C 176 6.22 7.79 -5.34
N GLU C 177 6.59 6.59 -5.78
CA GLU C 177 5.67 5.47 -5.56
C GLU C 177 5.47 5.23 -4.07
N HIS C 178 6.55 5.28 -3.29
CA HIS C 178 6.40 5.12 -1.85
C HIS C 178 5.57 6.23 -1.23
N PHE C 179 5.87 7.49 -1.58
CA PHE C 179 5.13 8.60 -1.01
C PHE C 179 3.65 8.51 -1.33
N ILE C 180 3.31 8.26 -2.60
CA ILE C 180 1.91 8.22 -2.97
C ILE C 180 1.21 7.05 -2.27
N LYS C 181 1.78 5.85 -2.38
CA LYS C 181 1.09 4.70 -1.82
C LYS C 181 0.98 4.78 -0.30
N SER C 182 1.99 5.35 0.37
CA SER C 182 1.94 5.45 1.83
CA SER C 182 1.94 5.45 1.82
C SER C 182 0.90 6.46 2.30
N HIS C 183 0.47 7.36 1.43
CA HIS C 183 -0.59 8.31 1.75
C HIS C 183 -1.92 7.93 1.13
N ALA C 184 -2.07 6.67 0.71
CA ALA C 184 -3.28 6.22 0.04
C ALA C 184 -3.98 5.12 0.85
N SER C 185 -5.30 5.05 0.67
CA SER C 185 -6.11 3.91 1.11
C SER C 185 -6.33 2.94 -0.04
N ASN C 186 -6.75 3.44 -1.20
N ASN C 186 -6.74 3.46 -1.20
CA ASN C 186 -6.98 2.63 -2.38
CA ASN C 186 -6.99 2.67 -2.40
C ASN C 186 -5.74 2.73 -3.26
C ASN C 186 -5.73 2.74 -3.27
N THR C 187 -4.70 1.98 -2.87
CA THR C 187 -3.42 2.05 -3.55
C THR C 187 -3.47 1.50 -4.97
N GLU C 188 -4.44 0.64 -5.27
N GLU C 188 -4.43 0.62 -5.27
CA GLU C 188 -4.48 -0.08 -6.52
CA GLU C 188 -4.44 -0.07 -6.56
C GLU C 188 -4.73 0.80 -7.74
C GLU C 188 -4.54 0.89 -7.73
N VAL C 189 -5.16 2.06 -7.54
CA VAL C 189 -5.34 2.98 -8.67
C VAL C 189 -4.02 3.55 -9.17
N PHE C 190 -2.94 3.42 -8.40
CA PHE C 190 -1.65 3.94 -8.83
C PHE C 190 -0.88 2.84 -9.54
N SER C 191 -1.29 2.60 -10.80
CA SER C 191 -0.59 1.68 -11.67
C SER C 191 0.84 2.15 -11.91
N GLU C 192 1.68 1.19 -12.31
CA GLU C 192 3.05 1.54 -12.67
C GLU C 192 3.07 2.56 -13.80
N ARG C 193 2.14 2.43 -14.75
CA ARG C 193 2.03 3.37 -15.87
C ARG C 193 1.75 4.79 -15.38
N LEU C 194 0.79 4.94 -14.47
CA LEU C 194 0.45 6.27 -13.95
C LEU C 194 1.61 6.84 -13.12
N LEU C 195 2.25 5.99 -12.32
CA LEU C 195 3.38 6.46 -11.52
C LEU C 195 4.54 6.88 -12.41
N ASP C 196 4.76 6.16 -13.52
CA ASP C 196 5.78 6.56 -14.49
C ASP C 196 5.54 7.98 -14.99
N LEU C 197 4.28 8.31 -15.31
CA LEU C 197 3.97 9.65 -15.82
C LEU C 197 4.26 10.71 -14.79
N TYR C 198 3.78 10.52 -13.56
CA TYR C 198 4.03 11.53 -12.53
C TYR C 198 5.51 11.64 -12.22
N ALA C 199 6.22 10.50 -12.16
CA ALA C 199 7.63 10.55 -11.77
C ALA C 199 8.47 11.25 -12.80
N ARG C 200 8.19 11.03 -14.09
CA ARG C 200 8.98 11.68 -15.13
C ARG C 200 8.87 13.19 -15.04
N SER C 201 7.72 13.71 -14.62
CA SER C 201 7.54 15.14 -14.52
C SER C 201 8.29 15.71 -13.33
N TYR C 202 8.11 15.15 -12.13
CA TYR C 202 8.74 15.82 -11.00
C TYR C 202 10.22 15.49 -10.88
N ALA C 203 10.73 14.54 -11.66
CA ALA C 203 12.16 14.25 -11.68
C ALA C 203 12.96 15.26 -12.49
N LYS C 204 12.33 16.13 -13.28
CA LYS C 204 13.07 17.22 -13.89
C LYS C 204 13.80 17.96 -12.77
N PRO C 205 15.11 18.17 -12.88
CA PRO C 205 15.84 18.77 -11.74
C PRO C 205 15.21 20.02 -11.17
N HIS C 206 14.74 20.95 -12.02
CA HIS C 206 14.15 22.16 -11.46
C HIS C 206 12.81 21.89 -10.80
N SER C 207 12.09 20.83 -11.24
CA SER C 207 10.81 20.47 -10.61
C SER C 207 11.01 19.75 -9.28
N LEU C 208 12.04 18.91 -9.17
CA LEU C 208 12.34 18.28 -7.89
C LEU C 208 12.68 19.34 -6.85
N ASN C 209 13.52 20.30 -7.22
CA ASN C 209 13.85 21.39 -6.30
C ASN C 209 12.62 22.24 -6.01
N ALA C 210 11.87 22.64 -7.03
CA ALA C 210 10.67 23.44 -6.80
C ALA C 210 9.74 22.76 -5.81
N SER C 211 9.56 21.43 -5.96
CA SER C 211 8.68 20.68 -5.08
C SER C 211 8.98 20.98 -3.61
N PHE C 212 10.26 20.96 -3.27
CA PHE C 212 10.62 21.11 -1.87
C PHE C 212 10.73 22.56 -1.44
N GLU C 213 10.89 23.49 -2.38
CA GLU C 213 10.93 24.89 -2.01
C GLU C 213 9.60 25.35 -1.42
N TYR C 214 8.48 24.73 -1.83
CA TYR C 214 7.19 25.05 -1.21
C TYR C 214 7.22 24.74 0.29
N TYR C 215 7.90 23.67 0.68
CA TYR C 215 8.00 23.31 2.09
C TYR C 215 9.04 24.16 2.81
N ARG C 216 10.12 24.52 2.12
CA ARG C 216 11.08 25.46 2.71
C ARG C 216 10.46 26.82 2.98
N ALA C 217 9.36 27.16 2.29
CA ALA C 217 8.68 28.42 2.52
C ALA C 217 7.48 28.28 3.46
N LEU C 218 7.23 27.08 3.98
CA LEU C 218 6.02 26.82 4.76
C LEU C 218 5.95 27.72 6.00
N ASN C 219 7.06 27.88 6.73
CA ASN C 219 7.00 28.71 7.93
C ASN C 219 6.75 30.16 7.58
N GLU C 220 7.30 30.64 6.45
CA GLU C 220 6.96 31.97 5.98
C GLU C 220 5.46 32.07 5.67
N SER C 221 4.91 31.02 5.06
CA SER C 221 3.47 31.01 4.76
C SER C 221 2.66 31.05 6.04
N VAL C 222 3.09 30.33 7.09
CA VAL C 222 2.41 30.41 8.38
C VAL C 222 2.40 31.86 8.88
N ARG C 223 3.55 32.52 8.82
CA ARG C 223 3.64 33.89 9.35
C ARG C 223 2.77 34.83 8.54
N GLN C 224 2.72 34.65 7.21
CA GLN C 224 1.82 35.44 6.36
C GLN C 224 0.37 35.25 6.77
N ASN C 225 -0.04 33.99 6.94
CA ASN C 225 -1.45 33.71 7.18
C ASN C 225 -1.90 34.13 8.57
N ALA C 226 -0.97 34.29 9.52
CA ALA C 226 -1.35 34.78 10.83
C ALA C 226 -1.94 36.18 10.74
N GLU C 227 -1.51 36.96 9.76
CA GLU C 227 -2.08 38.28 9.51
C GLU C 227 -3.32 38.21 8.63
N LEU C 228 -3.25 37.43 7.55
CA LEU C 228 -4.39 37.35 6.64
C LEU C 228 -5.64 36.79 7.32
N ALA C 229 -5.47 35.86 8.27
CA ALA C 229 -6.62 35.15 8.84
C ALA C 229 -7.44 36.02 9.79
N LYS C 230 -7.04 37.26 10.05
CA LYS C 230 -7.88 38.17 10.83
C LYS C 230 -9.17 38.54 10.12
N THR C 231 -9.32 38.16 8.85
CA THR C 231 -10.55 38.34 8.10
C THR C 231 -11.03 36.96 7.69
N ARG C 232 -12.24 36.59 8.12
CA ARG C 232 -12.80 35.30 7.72
C ARG C 232 -13.28 35.31 6.29
N LEU C 233 -13.26 34.14 5.66
CA LEU C 233 -13.80 33.98 4.32
C LEU C 233 -15.32 33.98 4.33
N GLN C 234 -15.92 34.68 3.36
CA GLN C 234 -17.36 34.88 3.33
C GLN C 234 -18.08 34.09 2.24
N MET C 235 -17.36 33.48 1.31
CA MET C 235 -18.04 32.82 0.21
C MET C 235 -18.34 31.37 0.56
N PRO C 236 -19.28 30.72 -0.11
CA PRO C 236 -19.57 29.31 0.18
C PRO C 236 -18.34 28.46 -0.03
N THR C 237 -18.03 27.62 0.97
CA THR C 237 -16.85 26.77 0.95
CA THR C 237 -16.86 26.75 0.88
C THR C 237 -17.25 25.33 1.25
N MET C 238 -16.51 24.39 0.65
CA MET C 238 -16.66 22.97 0.95
C MET C 238 -15.28 22.38 1.16
N THR C 239 -15.12 21.56 2.20
CA THR C 239 -13.90 20.81 2.42
C THR C 239 -14.16 19.34 2.15
N LEU C 240 -13.16 18.67 1.57
CA LEU C 240 -13.16 17.22 1.43
C LEU C 240 -11.90 16.65 2.07
N ALA C 241 -12.04 15.49 2.68
CA ALA C 241 -10.91 14.81 3.30
C ALA C 241 -11.15 13.31 3.17
N GLY C 242 -10.08 12.55 3.05
CA GLY C 242 -10.19 11.10 3.14
C GLY C 242 -10.35 10.67 4.58
N GLY C 243 -11.11 9.58 4.78
CA GLY C 243 -11.27 8.96 6.07
C GLY C 243 -10.40 7.73 6.25
N GLY C 244 -9.75 7.31 5.17
CA GLY C 244 -8.89 6.15 5.19
C GLY C 244 -7.43 6.54 5.42
N HIS C 245 -6.56 5.54 5.24
CA HIS C 245 -5.12 5.73 5.41
C HIS C 245 -4.61 6.88 4.54
N GLY C 246 -3.94 7.84 5.18
CA GLY C 246 -3.48 9.02 4.50
C GLY C 246 -4.44 10.19 4.51
N GLY C 247 -5.67 9.96 4.97
CA GLY C 247 -6.67 11.02 4.98
C GLY C 247 -6.48 11.96 6.17
N MET C 248 -6.94 13.22 5.98
CA MET C 248 -6.93 14.21 7.05
C MET C 248 -8.09 14.03 8.02
N GLY C 249 -9.08 13.22 7.69
CA GLY C 249 -10.19 13.01 8.60
C GLY C 249 -10.91 14.31 8.94
N THR C 250 -11.32 14.41 10.20
CA THR C 250 -12.11 15.57 10.61
C THR C 250 -11.29 16.85 10.68
N PHE C 251 -9.96 16.78 10.61
CA PHE C 251 -9.16 17.99 10.76
C PHE C 251 -9.49 19.01 9.68
N GLN C 252 -9.74 18.56 8.45
CA GLN C 252 -9.92 19.48 7.34
C GLN C 252 -11.06 20.44 7.60
N LEU C 253 -12.22 19.91 7.98
CA LEU C 253 -13.37 20.77 8.26
C LEU C 253 -13.18 21.56 9.55
N GLU C 254 -12.65 20.92 10.59
CA GLU C 254 -12.53 21.62 11.87
C GLU C 254 -11.62 22.83 11.77
N GLN C 255 -10.52 22.71 11.02
CA GLN C 255 -9.68 23.88 10.79
C GLN C 255 -10.40 24.92 9.95
N MET C 256 -11.11 24.48 8.91
CA MET C 256 -11.75 25.44 8.01
C MET C 256 -12.82 26.25 8.71
N LYS C 257 -13.45 25.69 9.76
CA LYS C 257 -14.45 26.46 10.48
C LYS C 257 -13.85 27.70 11.14
N ALA C 258 -12.55 27.69 11.43
CA ALA C 258 -11.92 28.89 11.97
C ALA C 258 -11.65 29.93 10.89
N TYR C 259 -11.69 29.53 9.62
CA TYR C 259 -11.37 30.41 8.51
C TYR C 259 -12.58 30.89 7.72
N ALA C 260 -13.71 30.19 7.78
CA ALA C 260 -14.80 30.44 6.86
C ALA C 260 -16.13 30.52 7.59
N GLU C 261 -16.98 31.45 7.14
CA GLU C 261 -18.29 31.61 7.76
C GLU C 261 -19.27 30.57 7.26
N ASP C 262 -19.12 30.12 6.01
CA ASP C 262 -20.09 29.28 5.32
C ASP C 262 -19.33 28.06 4.80
N VAL C 263 -19.32 26.98 5.56
CA VAL C 263 -18.52 25.81 5.19
C VAL C 263 -19.29 24.53 5.45
N GLU C 264 -19.21 23.61 4.51
CA GLU C 264 -19.69 22.25 4.69
C GLU C 264 -18.54 21.31 4.42
N GLY C 265 -18.48 20.22 5.17
CA GLY C 265 -17.35 19.31 5.07
C GLY C 265 -17.81 17.88 4.85
N HIS C 266 -16.97 17.11 4.16
CA HIS C 266 -17.20 15.70 3.95
C HIS C 266 -15.93 14.92 4.20
N VAL C 267 -16.06 13.76 4.85
CA VAL C 267 -14.98 12.80 4.99
C VAL C 267 -15.39 11.57 4.18
N LEU C 268 -14.53 11.16 3.24
CA LEU C 268 -14.86 10.09 2.31
C LEU C 268 -14.30 8.77 2.82
N PRO C 269 -15.13 7.81 3.20
CA PRO C 269 -14.59 6.57 3.79
C PRO C 269 -13.83 5.75 2.76
N GLY C 270 -12.79 5.06 3.23
CA GLY C 270 -12.03 4.19 2.34
C GLY C 270 -11.18 4.93 1.33
N CYS C 271 -10.91 6.20 1.58
CA CYS C 271 -10.18 7.08 0.68
C CYS C 271 -9.08 7.76 1.49
N GLY C 272 -7.89 7.84 0.91
CA GLY C 272 -6.77 8.50 1.56
C GLY C 272 -6.55 9.92 1.08
N HIS C 273 -5.30 10.22 0.71
CA HIS C 273 -4.96 11.58 0.31
C HIS C 273 -5.39 11.91 -1.12
N TRP C 274 -5.32 10.94 -2.02
CA TRP C 274 -5.36 11.22 -3.45
C TRP C 274 -6.80 11.08 -3.97
N LEU C 275 -7.67 11.97 -3.47
CA LEU C 275 -9.10 11.79 -3.66
C LEU C 275 -9.52 11.71 -5.13
N PRO C 276 -9.02 12.54 -6.06
CA PRO C 276 -9.51 12.45 -7.44
C PRO C 276 -9.24 11.10 -8.08
N GLU C 277 -8.25 10.36 -7.62
CA GLU C 277 -7.88 9.08 -8.22
C GLU C 277 -8.35 7.90 -7.40
N GLU C 278 -8.26 7.98 -6.07
CA GLU C 278 -8.71 6.89 -5.21
C GLU C 278 -10.23 6.80 -5.16
N CYS C 279 -10.92 7.93 -5.23
CA CYS C 279 -12.35 7.96 -4.99
C CYS C 279 -13.01 8.93 -5.99
N ALA C 280 -12.76 8.68 -7.28
CA ALA C 280 -13.21 9.58 -8.33
C ALA C 280 -14.71 9.78 -8.32
N ALA C 281 -15.48 8.69 -8.27
CA ALA C 281 -16.93 8.86 -8.39
C ALA C 281 -17.52 9.71 -7.26
N PRO C 282 -17.30 9.42 -5.98
CA PRO C 282 -17.90 10.29 -4.96
C PRO C 282 -17.29 11.67 -4.92
N MET C 283 -15.98 11.79 -5.14
CA MET C 283 -15.36 13.11 -5.07
C MET C 283 -15.85 14.00 -6.19
N ASN C 284 -15.86 13.49 -7.43
CA ASN C 284 -16.35 14.29 -8.55
C ASN C 284 -17.78 14.72 -8.33
N ARG C 285 -18.63 13.82 -7.82
CA ARG C 285 -20.03 14.14 -7.59
C ARG C 285 -20.15 15.27 -6.58
N LEU C 286 -19.40 15.19 -5.49
CA LEU C 286 -19.47 16.24 -4.46
C LEU C 286 -19.06 17.59 -5.04
N VAL C 287 -18.00 17.61 -5.85
CA VAL C 287 -17.52 18.88 -6.40
C VAL C 287 -18.50 19.43 -7.42
N ILE C 288 -18.97 18.59 -8.35
CA ILE C 288 -19.90 19.05 -9.38
C ILE C 288 -21.16 19.59 -8.73
N ASP C 289 -21.72 18.85 -7.77
CA ASP C 289 -22.95 19.31 -7.13
C ASP C 289 -22.74 20.64 -6.41
N PHE C 290 -21.63 20.77 -5.68
CA PHE C 290 -21.40 21.98 -4.88
C PHE C 290 -21.21 23.20 -5.78
N LEU C 291 -20.46 23.06 -6.87
CA LEU C 291 -20.26 24.18 -7.79
C LEU C 291 -21.52 24.50 -8.60
N SER C 292 -22.38 23.51 -8.83
CA SER C 292 -23.57 23.74 -9.63
C SER C 292 -24.70 24.41 -8.84
N ARG C 293 -24.52 24.64 -7.55
CA ARG C 293 -25.51 25.42 -6.79
C ARG C 293 -25.55 26.86 -7.29
N ALA D 1 41.82 -3.39 9.30
CA ALA D 1 41.20 -4.42 10.12
C ALA D 1 40.42 -3.84 11.31
N GLU D 2 40.58 -2.54 11.58
CA GLU D 2 39.72 -1.85 12.55
C GLU D 2 39.07 -0.65 11.89
N GLU D 3 37.77 -0.48 12.13
CA GLU D 3 37.06 0.67 11.60
C GLU D 3 37.47 1.95 12.30
N PHE D 4 37.87 1.86 13.57
CA PHE D 4 38.23 3.03 14.38
C PHE D 4 39.48 2.75 15.18
N PRO D 5 40.30 3.77 15.45
CA PRO D 5 41.56 3.55 16.19
C PRO D 5 41.28 3.17 17.65
N VAL D 6 41.95 2.10 18.09
CA VAL D 6 41.80 1.60 19.46
C VAL D 6 42.75 2.36 20.37
N PRO D 7 42.28 2.89 21.52
CA PRO D 7 43.19 3.57 22.43
C PRO D 7 44.25 2.62 22.98
N ASN D 8 45.40 3.20 23.33
CA ASN D 8 46.48 2.40 23.89
C ASN D 8 46.02 1.71 25.18
N GLY D 9 46.45 0.47 25.37
CA GLY D 9 46.04 -0.29 26.53
C GLY D 9 44.70 -0.97 26.39
N PHE D 10 43.99 -0.77 25.29
CA PHE D 10 42.72 -1.42 25.06
C PHE D 10 42.87 -2.50 24.00
N GLU D 11 41.94 -3.47 24.02
CA GLU D 11 41.93 -4.52 23.03
C GLU D 11 40.61 -4.53 22.28
N SER D 12 40.70 -4.83 20.99
CA SER D 12 39.53 -5.03 20.15
C SER D 12 39.32 -6.53 20.00
N ALA D 13 38.13 -7.01 20.32
CA ALA D 13 37.92 -8.46 20.35
C ALA D 13 36.46 -8.77 20.05
N TYR D 14 36.14 -10.08 20.08
CA TYR D 14 34.82 -10.55 19.72
C TYR D 14 34.40 -11.66 20.67
N ARG D 15 33.09 -11.72 20.94
CA ARG D 15 32.51 -12.85 21.67
C ARG D 15 31.22 -13.27 21.00
N GLU D 16 30.99 -14.58 20.95
CA GLU D 16 29.70 -15.12 20.53
C GLU D 16 28.72 -15.02 21.67
N VAL D 17 27.53 -14.46 21.39
CA VAL D 17 26.45 -14.41 22.35
C VAL D 17 25.20 -14.89 21.65
N ASP D 18 24.64 -16.02 22.11
CA ASP D 18 23.46 -16.60 21.49
C ASP D 18 23.63 -16.70 19.97
N GLY D 19 24.81 -17.14 19.55
CA GLY D 19 25.10 -17.35 18.14
C GLY D 19 25.38 -16.11 17.33
N VAL D 20 25.58 -14.96 17.98
CA VAL D 20 25.81 -13.70 17.28
C VAL D 20 27.17 -13.18 17.71
N LYS D 21 28.02 -12.86 16.74
CA LYS D 21 29.40 -12.45 17.01
C LYS D 21 29.44 -10.96 17.28
N LEU D 22 29.65 -10.58 18.54
CA LEU D 22 29.66 -9.19 18.93
C LEU D 22 31.09 -8.66 19.03
N HIS D 23 31.32 -7.48 18.45
CA HIS D 23 32.59 -6.77 18.58
C HIS D 23 32.55 -5.86 19.80
N TYR D 24 33.70 -5.72 20.47
CA TYR D 24 33.81 -4.76 21.57
C TYR D 24 35.25 -4.32 21.73
N VAL D 25 35.42 -3.20 22.42
CA VAL D 25 36.74 -2.73 22.82
C VAL D 25 36.78 -2.68 24.34
N LYS D 26 37.86 -3.22 24.92
CA LYS D 26 37.90 -3.49 26.36
C LYS D 26 39.25 -3.10 26.94
N GLY D 27 39.22 -2.48 28.13
CA GLY D 27 40.45 -2.14 28.83
C GLY D 27 40.13 -1.84 30.28
N GLY D 28 41.19 -1.79 31.07
CA GLY D 28 41.09 -1.40 32.47
C GLY D 28 41.01 -2.59 33.40
N GLN D 29 40.85 -2.27 34.67
CA GLN D 29 40.67 -3.29 35.71
C GLN D 29 39.77 -2.71 36.79
N GLY D 30 39.11 -3.61 37.52
CA GLY D 30 38.14 -3.23 38.50
C GLY D 30 36.74 -3.63 38.08
N PRO D 31 35.72 -3.13 38.79
CA PRO D 31 34.34 -3.47 38.42
C PRO D 31 34.05 -3.05 36.99
N LEU D 32 33.09 -3.73 36.38
CA LEU D 32 32.81 -3.54 34.96
C LEU D 32 31.88 -2.36 34.74
N VAL D 33 32.21 -1.53 33.74
CA VAL D 33 31.28 -0.54 33.18
C VAL D 33 31.11 -0.85 31.70
N MET D 34 29.86 -1.01 31.27
CA MET D 34 29.56 -1.23 29.85
C MET D 34 29.02 0.07 29.28
N LEU D 35 29.60 0.52 28.17
CA LEU D 35 29.19 1.74 27.48
C LEU D 35 28.53 1.37 26.17
N VAL D 36 27.32 1.85 25.93
CA VAL D 36 26.52 1.42 24.78
C VAL D 36 26.18 2.62 23.92
N HIS D 37 26.70 2.63 22.69
CA HIS D 37 26.55 3.72 21.73
C HIS D 37 25.14 3.78 21.11
N GLY D 38 24.94 4.81 20.29
CA GLY D 38 23.67 5.01 19.60
C GLY D 38 23.76 5.11 18.10
N PHE D 39 22.66 5.60 17.50
CA PHE D 39 22.57 5.68 16.06
C PHE D 39 23.62 6.60 15.44
N GLY D 40 24.13 6.18 14.29
CA GLY D 40 25.10 6.96 13.54
C GLY D 40 26.51 6.75 14.01
N GLN D 41 26.70 6.03 15.11
CA GLN D 41 28.02 5.89 15.72
C GLN D 41 28.29 4.44 16.07
N THR D 42 29.35 4.21 16.83
CA THR D 42 29.84 2.89 17.18
C THR D 42 30.45 3.02 18.57
N TRP D 43 31.15 1.97 19.00
CA TRP D 43 31.91 2.03 20.26
C TRP D 43 32.77 3.27 20.33
N TYR D 44 33.24 3.77 19.17
CA TYR D 44 34.24 4.84 19.15
C TYR D 44 33.75 6.15 19.74
N GLU D 45 32.43 6.36 19.88
CA GLU D 45 32.02 7.61 20.49
C GLU D 45 32.51 7.71 21.93
N TRP D 46 32.83 6.57 22.56
CA TRP D 46 33.32 6.54 23.92
C TRP D 46 34.83 6.61 24.05
N HIS D 47 35.56 6.82 22.94
CA HIS D 47 37.00 6.63 22.99
C HIS D 47 37.72 7.67 23.84
N GLN D 48 37.11 8.82 24.10
CA GLN D 48 37.75 9.79 24.99
C GLN D 48 37.47 9.47 26.46
N LEU D 49 36.29 8.93 26.75
CA LEU D 49 35.93 8.56 28.12
C LEU D 49 36.66 7.30 28.57
N MET D 50 36.87 6.36 27.64
CA MET D 50 37.36 5.04 28.01
C MET D 50 38.70 5.06 28.76
N PRO D 51 39.74 5.77 28.30
CA PRO D 51 41.01 5.76 29.06
C PRO D 51 40.88 6.34 30.45
N GLU D 52 40.04 7.37 30.64
CA GLU D 52 39.90 7.97 31.96
C GLU D 52 39.14 7.04 32.89
N LEU D 53 38.07 6.42 32.38
CA LEU D 53 37.29 5.48 33.17
C LEU D 53 38.09 4.24 33.51
N ALA D 54 39.00 3.82 32.63
CA ALA D 54 39.78 2.59 32.82
C ALA D 54 40.80 2.70 33.94
N LYS D 55 41.01 3.88 34.50
CA LYS D 55 41.88 4.02 35.66
C LYS D 55 41.25 3.43 36.92
N ARG D 56 39.92 3.30 36.94
CA ARG D 56 39.21 2.78 38.12
C ARG D 56 38.31 1.59 37.81
N PHE D 57 38.03 1.29 36.55
CA PHE D 57 37.04 0.29 36.16
C PHE D 57 37.58 -0.55 35.00
N THR D 58 37.05 -1.76 34.88
CA THR D 58 37.13 -2.48 33.61
C THR D 58 36.06 -1.91 32.68
N VAL D 59 36.46 -1.49 31.50
CA VAL D 59 35.55 -0.80 30.57
C VAL D 59 35.35 -1.64 29.33
N ILE D 60 34.09 -1.88 28.96
CA ILE D 60 33.79 -2.57 27.70
C ILE D 60 32.81 -1.71 26.89
N ALA D 61 33.11 -1.53 25.61
CA ALA D 61 32.25 -0.75 24.72
C ALA D 61 31.93 -1.62 23.51
N PRO D 62 30.75 -2.24 23.46
CA PRO D 62 30.40 -3.08 22.33
C PRO D 62 29.82 -2.28 21.18
N ASP D 63 29.93 -2.86 19.98
CA ASP D 63 29.12 -2.40 18.86
C ASP D 63 27.76 -3.07 18.93
N LEU D 64 26.70 -2.28 18.79
CA LEU D 64 25.35 -2.82 18.75
C LEU D 64 25.23 -3.85 17.62
N PRO D 65 24.39 -4.87 17.80
CA PRO D 65 24.19 -5.86 16.73
C PRO D 65 23.94 -5.20 15.38
N GLY D 66 24.70 -5.64 14.38
CA GLY D 66 24.59 -5.14 13.03
C GLY D 66 25.35 -3.87 12.75
N LEU D 67 25.74 -3.12 13.78
CA LEU D 67 26.48 -1.87 13.63
C LEU D 67 27.95 -2.09 13.95
N GLY D 68 28.77 -1.12 13.57
CA GLY D 68 30.21 -1.28 13.74
C GLY D 68 30.66 -2.62 13.17
N GLN D 69 31.39 -3.39 13.97
CA GLN D 69 31.88 -4.70 13.53
C GLN D 69 31.11 -5.86 14.14
N SER D 70 29.91 -5.63 14.67
CA SER D 70 29.07 -6.68 15.25
C SER D 70 28.12 -7.28 14.22
N GLU D 71 27.93 -8.60 14.32
CA GLU D 71 26.98 -9.32 13.48
C GLU D 71 25.56 -8.87 13.80
N PRO D 72 24.67 -8.82 12.81
CA PRO D 72 23.25 -8.52 13.08
C PRO D 72 22.65 -9.53 14.05
N PRO D 73 21.59 -9.13 14.76
CA PRO D 73 20.93 -10.06 15.67
C PRO D 73 20.21 -11.16 14.90
N LYS D 74 20.10 -12.32 15.54
CA LYS D 74 19.37 -13.42 14.95
C LYS D 74 17.94 -13.51 15.43
N THR D 75 17.59 -12.77 16.48
CA THR D 75 16.21 -12.74 16.97
C THR D 75 15.47 -11.57 16.35
N GLY D 76 15.87 -10.35 16.69
CA GLY D 76 15.21 -9.18 16.14
C GLY D 76 15.82 -7.94 16.75
N TYR D 77 15.27 -6.78 16.38
CA TYR D 77 15.83 -5.49 16.76
C TYR D 77 15.00 -4.77 17.82
N SER D 78 14.00 -5.42 18.38
CA SER D 78 13.25 -4.78 19.46
C SER D 78 14.11 -4.69 20.70
N GLY D 79 13.75 -3.75 21.57
CA GLY D 79 14.55 -3.50 22.76
C GLY D 79 14.77 -4.75 23.60
N GLU D 80 13.71 -5.55 23.78
CA GLU D 80 13.84 -6.73 24.62
C GLU D 80 14.77 -7.76 23.98
N GLN D 81 14.71 -7.90 22.65
CA GLN D 81 15.57 -8.87 21.99
C GLN D 81 17.03 -8.44 22.01
N VAL D 82 17.30 -7.17 21.74
CA VAL D 82 18.69 -6.72 21.68
C VAL D 82 19.29 -6.72 23.08
N ALA D 83 18.47 -6.38 24.09
CA ALA D 83 18.98 -6.31 25.45
C ALA D 83 19.52 -7.66 25.93
N VAL D 84 18.95 -8.76 25.44
CA VAL D 84 19.48 -10.08 25.79
C VAL D 84 20.95 -10.18 25.41
N TYR D 85 21.29 -9.79 24.18
CA TYR D 85 22.68 -9.88 23.75
C TYR D 85 23.59 -9.06 24.63
N LEU D 86 23.17 -7.84 24.96
CA LEU D 86 24.03 -6.95 25.72
C LEU D 86 24.17 -7.40 27.16
N HIS D 87 23.08 -7.87 27.77
CA HIS D 87 23.14 -8.41 29.13
C HIS D 87 24.07 -9.61 29.20
N LYS D 88 23.90 -10.56 28.28
CA LYS D 88 24.73 -11.77 28.34
C LYS D 88 26.19 -11.44 28.03
N LEU D 89 26.47 -10.49 27.14
CA LEU D 89 27.85 -10.08 26.92
C LEU D 89 28.46 -9.54 28.20
N ALA D 90 27.74 -8.63 28.87
CA ALA D 90 28.26 -8.08 30.12
C ALA D 90 28.50 -9.18 31.15
N ARG D 91 27.57 -10.13 31.28
CA ARG D 91 27.73 -11.20 32.24
C ARG D 91 28.88 -12.14 31.92
N GLN D 92 29.32 -12.22 30.66
CA GLN D 92 30.54 -12.98 30.39
C GLN D 92 31.75 -12.38 31.07
N PHE D 93 31.77 -11.05 31.21
CA PHE D 93 32.91 -10.38 31.81
C PHE D 93 32.72 -10.04 33.28
N SER D 94 31.49 -9.97 33.76
CA SER D 94 31.21 -9.67 35.17
C SER D 94 30.17 -10.64 35.71
N PRO D 95 30.48 -11.95 35.73
CA PRO D 95 29.47 -12.93 36.17
C PRO D 95 29.18 -12.89 37.66
N ASP D 96 30.09 -12.35 38.47
CA ASP D 96 30.00 -12.45 39.93
C ASP D 96 29.75 -11.12 40.64
N ARG D 97 29.63 -10.01 39.90
CA ARG D 97 29.37 -8.70 40.49
C ARG D 97 28.39 -7.96 39.60
N PRO D 98 27.56 -7.09 40.18
CA PRO D 98 26.80 -6.17 39.32
C PRO D 98 27.74 -5.23 38.59
N PHE D 99 27.31 -4.82 37.41
CA PHE D 99 28.11 -3.94 36.56
C PHE D 99 27.38 -2.63 36.37
N ASP D 100 28.12 -1.61 35.95
CA ASP D 100 27.53 -0.31 35.64
C ASP D 100 27.22 -0.23 34.15
N LEU D 101 26.25 0.62 33.83
CA LEU D 101 25.77 0.75 32.46
C LEU D 101 25.66 2.23 32.12
N VAL D 102 26.28 2.62 31.01
CA VAL D 102 26.16 3.96 30.44
C VAL D 102 25.65 3.81 29.01
N ALA D 103 24.59 4.54 28.66
CA ALA D 103 24.04 4.36 27.33
C ALA D 103 23.57 5.69 26.75
N HIS D 104 23.72 5.81 25.43
CA HIS D 104 23.44 7.02 24.66
C HIS D 104 22.48 6.68 23.53
N ASP D 105 21.46 7.51 23.35
CA ASP D 105 20.54 7.41 22.20
C ASP D 105 19.92 6.02 22.19
N ILE D 106 19.94 5.27 21.07
CA ILE D 106 19.24 3.98 21.04
C ILE D 106 19.93 2.94 21.90
N GLY D 107 21.12 3.24 22.44
CA GLY D 107 21.69 2.39 23.48
C GLY D 107 20.76 2.27 24.67
N ILE D 108 19.97 3.32 24.94
CA ILE D 108 18.94 3.26 25.98
C ILE D 108 17.87 2.25 25.61
N TRP D 109 17.38 2.33 24.36
CA TRP D 109 16.33 1.43 23.89
C TRP D 109 16.76 -0.01 24.04
N ASN D 110 18.02 -0.26 23.77
CA ASN D 110 18.57 -1.60 23.69
C ASN D 110 19.06 -2.11 25.02
N THR D 111 18.92 -1.33 26.11
CA THR D 111 19.38 -1.80 27.40
C THR D 111 18.29 -1.75 28.47
N TYR D 112 17.34 -0.82 28.36
CA TYR D 112 16.33 -0.68 29.41
C TYR D 112 15.66 -1.99 29.77
N PRO D 113 15.23 -2.84 28.82
CA PRO D 113 14.58 -4.09 29.24
C PRO D 113 15.47 -4.98 30.09
N MET D 114 16.76 -5.07 29.80
CA MET D 114 17.56 -5.97 30.64
C MET D 114 17.92 -5.33 31.97
N VAL D 115 17.90 -4.00 32.06
CA VAL D 115 18.06 -3.33 33.34
C VAL D 115 16.86 -3.61 34.24
N VAL D 116 15.64 -3.44 33.71
CA VAL D 116 14.48 -3.58 34.56
C VAL D 116 14.26 -5.05 34.94
N LYS D 117 14.68 -5.98 34.09
CA LYS D 117 14.47 -7.41 34.35
C LYS D 117 15.59 -8.06 35.14
N ASN D 118 16.75 -7.42 35.27
CA ASN D 118 17.90 -7.97 35.97
C ASN D 118 18.50 -6.94 36.91
N GLN D 119 17.67 -6.39 37.81
CA GLN D 119 18.10 -5.22 38.55
C GLN D 119 19.26 -5.52 39.48
N ALA D 120 19.35 -6.76 39.99
CA ALA D 120 20.47 -7.11 40.85
C ALA D 120 21.79 -7.15 40.09
N ASP D 121 21.74 -7.18 38.75
CA ASP D 121 22.95 -7.19 37.94
C ASP D 121 23.49 -5.81 37.62
N ILE D 122 22.76 -4.75 37.95
CA ILE D 122 23.11 -3.38 37.56
C ILE D 122 23.42 -2.59 38.82
N ALA D 123 24.66 -2.13 38.95
CA ALA D 123 25.02 -1.35 40.14
C ALA D 123 24.53 0.09 40.00
N ARG D 124 24.98 0.79 38.95
CA ARG D 124 24.59 2.17 38.71
C ARG D 124 24.34 2.35 37.22
N LEU D 125 23.45 3.31 36.90
CA LEU D 125 22.94 3.49 35.55
C LEU D 125 23.09 4.94 35.12
N VAL D 126 23.59 5.17 33.90
CA VAL D 126 23.68 6.50 33.31
C VAL D 126 23.04 6.45 31.93
N TYR D 127 22.00 7.25 31.74
CA TYR D 127 21.29 7.33 30.46
C TYR D 127 21.40 8.75 29.90
N MET D 128 21.68 8.87 28.61
CA MET D 128 21.78 10.21 28.02
C MET D 128 21.17 10.29 26.62
N GLN D 129 20.43 11.38 26.38
CA GLN D 129 20.04 11.82 25.04
C GLN D 129 19.23 10.78 24.25
N ALA D 130 18.10 10.38 24.84
CA ALA D 130 17.02 9.71 24.12
C ALA D 130 15.88 9.38 25.06
N PRO D 131 14.66 9.39 24.57
CA PRO D 131 13.57 8.86 25.39
C PRO D 131 13.68 7.35 25.54
N ILE D 132 13.38 6.86 26.73
CA ILE D 132 12.98 5.45 26.83
C ILE D 132 11.74 5.25 25.98
N PRO D 133 11.64 4.20 25.14
CA PRO D 133 10.46 4.07 24.29
C PRO D 133 9.17 3.91 25.10
N ASP D 134 8.30 4.91 25.01
CA ASP D 134 7.00 4.85 25.66
C ASP D 134 6.09 5.86 24.97
N ALA D 135 4.88 6.03 25.51
CA ALA D 135 3.89 6.86 24.80
C ALA D 135 4.33 8.31 24.66
N ARG D 136 5.33 8.75 25.44
CA ARG D 136 5.78 10.13 25.34
C ARG D 136 6.36 10.43 23.95
N ILE D 137 6.89 9.41 23.26
CA ILE D 137 7.48 9.70 21.96
C ILE D 137 6.43 10.12 20.95
N TYR D 138 5.15 9.83 21.19
CA TYR D 138 4.10 10.17 20.23
C TYR D 138 3.68 11.64 20.33
N ARG D 139 4.26 12.39 21.26
CA ARG D 139 3.96 13.81 21.40
C ARG D 139 4.97 14.72 20.71
N PHE D 140 6.13 14.21 20.32
CA PHE D 140 7.11 15.05 19.65
CA PHE D 140 7.11 15.05 19.65
C PHE D 140 6.56 15.53 18.31
N PRO D 141 6.79 16.79 17.93
CA PRO D 141 6.19 17.33 16.71
C PRO D 141 6.91 16.95 15.43
N ALA D 142 6.12 16.87 14.35
CA ALA D 142 6.65 16.55 13.03
C ALA D 142 7.41 17.71 12.42
N PHE D 143 7.11 18.94 12.84
CA PHE D 143 7.62 20.15 12.19
C PHE D 143 7.55 21.28 13.20
N THR D 144 8.47 22.24 13.08
CA THR D 144 8.54 23.33 14.04
C THR D 144 8.62 24.67 13.33
N ALA D 145 8.35 25.73 14.09
CA ALA D 145 8.40 27.08 13.56
C ALA D 145 9.81 27.52 13.17
N GLN D 146 10.83 26.76 13.54
CA GLN D 146 12.22 27.05 13.16
C GLN D 146 12.74 26.12 12.07
N GLY D 147 11.93 25.16 11.61
CA GLY D 147 12.34 24.24 10.58
C GLY D 147 12.21 22.79 11.04
N GLU D 148 13.11 21.94 10.55
CA GLU D 148 12.97 20.52 10.80
C GLU D 148 13.04 20.21 12.29
N SER D 149 12.22 19.23 12.72
CA SER D 149 12.07 18.87 14.11
C SER D 149 13.13 17.87 14.57
N LEU D 150 13.12 17.60 15.88
CA LEU D 150 14.13 16.73 16.48
C LEU D 150 13.99 15.28 16.02
N VAL D 151 12.78 14.76 15.92
CA VAL D 151 12.66 13.32 15.75
C VAL D 151 11.78 12.92 14.58
N TRP D 152 11.65 13.79 13.56
CA TRP D 152 11.01 13.31 12.33
C TRP D 152 11.74 12.10 11.76
N HIS D 153 13.02 11.94 12.08
CA HIS D 153 13.74 10.77 11.58
C HIS D 153 13.18 9.46 12.11
N PHE D 154 12.44 9.46 13.23
CA PHE D 154 11.79 8.21 13.66
C PHE D 154 10.94 7.64 12.54
N SER D 155 10.14 8.49 11.89
CA SER D 155 9.25 8.01 10.83
C SER D 155 10.01 7.70 9.53
N PHE D 156 10.99 8.52 9.18
CA PHE D 156 11.83 8.25 8.01
C PHE D 156 12.48 6.89 8.12
N PHE D 157 13.08 6.61 9.29
CA PHE D 157 13.80 5.36 9.48
C PHE D 157 12.86 4.18 9.63
N ALA D 158 11.67 4.38 10.20
CA ALA D 158 10.73 3.28 10.39
C ALA D 158 9.94 2.93 9.14
N ALA D 159 9.96 3.79 8.12
CA ALA D 159 9.18 3.56 6.92
C ALA D 159 9.57 2.24 6.24
N ASP D 160 8.61 1.62 5.55
CA ASP D 160 8.90 0.38 4.84
C ASP D 160 9.50 0.65 3.46
N ASP D 161 9.47 -0.35 2.57
CA ASP D 161 10.10 -0.28 1.25
C ASP D 161 11.59 0.02 1.30
N ARG D 162 12.24 -0.24 2.45
CA ARG D 162 13.63 0.17 2.67
CA ARG D 162 13.64 0.17 2.65
C ARG D 162 13.85 1.61 2.23
N LEU D 163 12.91 2.48 2.63
CA LEU D 163 12.94 3.87 2.17
C LEU D 163 14.28 4.53 2.52
N ALA D 164 14.68 4.43 3.79
CA ALA D 164 15.89 5.11 4.24
C ALA D 164 17.14 4.51 3.59
N GLU D 165 17.26 3.18 3.54
CA GLU D 165 18.44 2.58 2.90
C GLU D 165 18.53 2.98 1.45
N THR D 166 17.38 2.99 0.76
CA THR D 166 17.39 3.24 -0.68
C THR D 166 17.76 4.69 -0.99
N LEU D 167 17.26 5.64 -0.18
CA LEU D 167 17.59 7.04 -0.44
C LEU D 167 18.99 7.38 0.02
N ILE D 168 19.46 6.77 1.11
CA ILE D 168 20.75 7.18 1.68
C ILE D 168 21.93 6.49 1.01
N ALA D 169 21.73 5.30 0.43
CA ALA D 169 22.81 4.63 -0.27
C ALA D 169 23.38 5.52 -1.38
N GLY D 170 24.70 5.60 -1.44
CA GLY D 170 25.39 6.52 -2.34
C GLY D 170 25.55 7.91 -1.79
N LYS D 171 24.88 8.25 -0.69
CA LYS D 171 24.91 9.56 -0.05
C LYS D 171 25.09 9.41 1.45
N GLU D 172 25.80 8.36 1.88
CA GLU D 172 25.84 8.04 3.31
C GLU D 172 26.59 9.10 4.11
N ARG D 173 27.74 9.56 3.58
CA ARG D 173 28.50 10.61 4.23
C ARG D 173 27.72 11.92 4.26
N PHE D 174 27.11 12.28 3.13
CA PHE D 174 26.29 13.49 3.09
C PHE D 174 25.17 13.43 4.13
N PHE D 175 24.44 12.30 4.17
CA PHE D 175 23.33 12.24 5.11
C PHE D 175 23.80 12.30 6.56
N LEU D 176 24.86 11.57 6.89
CA LEU D 176 25.27 11.50 8.28
C LEU D 176 25.78 12.83 8.76
N GLU D 177 26.49 13.58 7.91
CA GLU D 177 26.91 14.92 8.29
C GLU D 177 25.71 15.80 8.57
N HIS D 178 24.69 15.75 7.70
CA HIS D 178 23.50 16.54 7.96
C HIS D 178 22.83 16.10 9.24
N PHE D 179 22.66 14.79 9.43
CA PHE D 179 22.01 14.29 10.65
C PHE D 179 22.75 14.73 11.89
N ILE D 180 24.08 14.57 11.90
CA ILE D 180 24.86 14.94 13.08
C ILE D 180 24.77 16.44 13.34
N LYS D 181 25.02 17.25 12.32
CA LYS D 181 25.04 18.68 12.57
C LYS D 181 23.67 19.23 12.90
N SER D 182 22.60 18.64 12.35
CA SER D 182 21.26 19.12 12.66
C SER D 182 20.84 18.78 14.09
N HIS D 183 21.52 17.83 14.74
CA HIS D 183 21.26 17.49 16.12
C HIS D 183 22.35 17.97 17.05
N ALA D 184 23.22 18.85 16.58
CA ALA D 184 24.34 19.35 17.36
C ALA D 184 24.16 20.82 17.70
N SER D 185 24.72 21.20 18.85
CA SER D 185 24.94 22.61 19.15
CA SER D 185 24.95 22.61 19.16
C SER D 185 26.31 23.07 18.68
N ASN D 186 27.33 22.27 18.93
CA ASN D 186 28.72 22.59 18.57
CA ASN D 186 28.70 22.60 18.55
C ASN D 186 29.12 21.67 17.42
N THR D 187 28.99 22.16 16.19
CA THR D 187 29.37 21.33 15.05
C THR D 187 30.88 21.30 14.85
N GLU D 188 31.62 22.20 15.49
CA GLU D 188 33.07 22.26 15.27
C GLU D 188 33.79 21.04 15.81
N VAL D 189 33.16 20.27 16.72
CA VAL D 189 33.85 19.12 17.29
C VAL D 189 33.84 17.91 16.37
N PHE D 190 33.16 18.00 15.22
CA PHE D 190 33.12 16.91 14.24
C PHE D 190 34.01 17.27 13.06
N SER D 191 35.24 16.75 13.08
CA SER D 191 36.15 16.96 11.96
C SER D 191 35.65 16.20 10.73
N GLU D 192 36.10 16.64 9.56
CA GLU D 192 35.75 15.93 8.35
C GLU D 192 36.20 14.47 8.42
N ARG D 193 37.34 14.22 9.05
CA ARG D 193 37.85 12.87 9.19
C ARG D 193 36.97 12.01 10.11
N LEU D 194 36.54 12.57 11.25
CA LEU D 194 35.63 11.82 12.12
C LEU D 194 34.33 11.46 11.40
N LEU D 195 33.80 12.40 10.60
CA LEU D 195 32.60 12.09 9.82
C LEU D 195 32.87 11.00 8.80
N ASP D 196 34.06 11.02 8.18
CA ASP D 196 34.43 9.98 7.23
C ASP D 196 34.42 8.61 7.90
N LEU D 197 34.97 8.51 9.11
CA LEU D 197 35.05 7.24 9.81
C LEU D 197 33.66 6.70 10.16
N TYR D 198 32.79 7.56 10.72
CA TYR D 198 31.46 7.08 11.06
C TYR D 198 30.68 6.73 9.80
N ALA D 199 30.84 7.52 8.74
CA ALA D 199 30.06 7.26 7.54
C ALA D 199 30.48 5.95 6.88
N ARG D 200 31.78 5.65 6.86
CA ARG D 200 32.20 4.41 6.20
C ARG D 200 31.73 3.20 6.98
N SER D 201 31.55 3.32 8.29
CA SER D 201 31.08 2.20 9.08
C SER D 201 29.60 1.92 8.81
N TYR D 202 28.73 2.92 8.94
CA TYR D 202 27.33 2.59 8.80
C TYR D 202 26.92 2.47 7.34
N ALA D 203 27.80 2.82 6.40
CA ALA D 203 27.50 2.60 4.99
C ALA D 203 27.59 1.14 4.59
N LYS D 204 28.23 0.28 5.39
CA LYS D 204 28.18 -1.15 5.10
C LYS D 204 26.73 -1.57 4.91
N PRO D 205 26.38 -2.24 3.82
CA PRO D 205 24.95 -2.52 3.57
C PRO D 205 24.21 -3.13 4.75
N HIS D 206 24.80 -4.12 5.43
CA HIS D 206 24.07 -4.69 6.56
C HIS D 206 24.00 -3.74 7.74
N SER D 207 24.95 -2.80 7.87
CA SER D 207 24.89 -1.85 8.98
C SER D 207 23.92 -0.70 8.69
N LEU D 208 23.84 -0.27 7.43
CA LEU D 208 22.83 0.71 7.05
C LEU D 208 21.43 0.17 7.33
N ASN D 209 21.18 -1.07 6.94
CA ASN D 209 19.88 -1.68 7.24
C ASN D 209 19.68 -1.87 8.74
N ALA D 210 20.69 -2.40 9.45
CA ALA D 210 20.55 -2.60 10.88
C ALA D 210 20.19 -1.30 11.58
N SER D 211 20.81 -0.19 11.17
CA SER D 211 20.54 1.11 11.77
C SER D 211 19.05 1.39 11.79
N PHE D 212 18.37 1.15 10.66
CA PHE D 212 16.97 1.51 10.58
C PHE D 212 16.05 0.44 11.14
N GLU D 213 16.50 -0.81 11.21
CA GLU D 213 15.65 -1.84 11.83
C GLU D 213 15.39 -1.54 13.29
N TYR D 214 16.31 -0.84 13.98
CA TYR D 214 16.02 -0.42 15.36
C TYR D 214 14.78 0.47 15.40
N TYR D 215 14.58 1.29 14.38
CA TYR D 215 13.41 2.16 14.34
C TYR D 215 12.18 1.44 13.83
N ARG D 216 12.36 0.48 12.92
CA ARG D 216 11.22 -0.33 12.49
C ARG D 216 10.70 -1.19 13.63
N ALA D 217 11.49 -1.39 14.69
CA ALA D 217 11.02 -2.10 15.87
C ALA D 217 10.60 -1.18 17.01
N LEU D 218 10.60 0.14 16.79
CA LEU D 218 10.37 1.08 17.89
C LEU D 218 8.98 0.94 18.52
N ASN D 219 7.92 0.83 17.69
CA ASN D 219 6.59 0.68 18.28
C ASN D 219 6.47 -0.63 19.05
N GLU D 220 7.11 -1.70 18.56
CA GLU D 220 7.13 -2.94 19.33
C GLU D 220 7.85 -2.74 20.66
N SER D 221 8.95 -1.96 20.66
CA SER D 221 9.64 -1.68 21.91
C SER D 221 8.77 -0.88 22.87
N VAL D 222 8.04 0.12 22.36
CA VAL D 222 7.07 0.84 23.20
C VAL D 222 6.10 -0.13 23.87
N ARG D 223 5.55 -1.07 23.07
CA ARG D 223 4.57 -1.98 23.63
C ARG D 223 5.21 -2.92 24.65
N GLN D 224 6.44 -3.38 24.39
CA GLN D 224 7.14 -4.19 25.37
C GLN D 224 7.33 -3.43 26.67
N ASN D 225 7.75 -2.16 26.56
CA ASN D 225 8.06 -1.38 27.75
C ASN D 225 6.82 -1.01 28.55
N ALA D 226 5.65 -0.95 27.90
CA ALA D 226 4.42 -0.69 28.64
C ALA D 226 4.20 -1.72 29.74
N GLU D 227 4.59 -2.99 29.48
CA GLU D 227 4.50 -4.01 30.51
C GLU D 227 5.70 -3.98 31.46
N LEU D 228 6.90 -3.77 30.93
CA LEU D 228 8.10 -3.81 31.77
C LEU D 228 8.10 -2.70 32.82
N ALA D 229 7.59 -1.52 32.46
CA ALA D 229 7.62 -0.35 33.32
C ALA D 229 6.72 -0.45 34.55
N LYS D 230 5.94 -1.53 34.69
CA LYS D 230 5.21 -1.74 35.92
C LYS D 230 6.16 -1.97 37.10
N THR D 231 7.42 -2.24 36.83
CA THR D 231 8.47 -2.41 37.85
C THR D 231 9.41 -1.22 37.75
N ARG D 232 9.44 -0.39 38.79
CA ARG D 232 10.34 0.75 38.81
C ARG D 232 11.79 0.31 38.96
N LEU D 233 12.70 1.17 38.52
CA LEU D 233 14.12 0.93 38.68
C LEU D 233 14.57 1.42 40.06
N GLN D 234 15.36 0.59 40.75
CA GLN D 234 15.75 0.89 42.12
C GLN D 234 17.21 1.29 42.29
N MET D 235 18.06 1.10 41.27
CA MET D 235 19.48 1.41 41.43
C MET D 235 19.74 2.90 41.22
N PRO D 236 20.86 3.42 41.75
CA PRO D 236 21.21 4.83 41.52
C PRO D 236 21.36 5.11 40.03
N THR D 237 20.69 6.17 39.57
CA THR D 237 20.63 6.53 38.16
CA THR D 237 20.69 6.52 38.15
C THR D 237 20.99 8.00 37.96
N MET D 238 21.66 8.30 36.86
CA MET D 238 21.94 9.67 36.46
C MET D 238 21.52 9.84 35.01
N THR D 239 20.85 10.94 34.70
CA THR D 239 20.57 11.31 33.31
C THR D 239 21.41 12.51 32.91
N LEU D 240 21.82 12.53 31.65
CA LEU D 240 22.47 13.69 31.04
C LEU D 240 21.74 14.07 29.77
N ALA D 241 21.63 15.38 29.52
CA ALA D 241 21.01 15.87 28.30
C ALA D 241 21.69 17.17 27.90
N GLY D 242 21.70 17.46 26.60
CA GLY D 242 22.17 18.76 26.15
C GLY D 242 21.12 19.83 26.38
N GLY D 243 21.58 21.03 26.71
CA GLY D 243 20.69 22.17 26.81
C GLY D 243 20.58 22.98 25.54
N GLY D 244 21.42 22.69 24.55
CA GLY D 244 21.43 23.42 23.30
C GLY D 244 20.62 22.74 22.21
N HIS D 245 20.75 23.25 21.00
CA HIS D 245 20.08 22.67 19.85
C HIS D 245 20.45 21.20 19.70
N GLY D 246 19.43 20.35 19.54
CA GLY D 246 19.61 18.91 19.49
C GLY D 246 19.50 18.23 20.83
N GLY D 247 19.53 18.97 21.93
CA GLY D 247 19.46 18.37 23.23
C GLY D 247 18.04 18.05 23.65
N MET D 248 17.92 17.07 24.56
CA MET D 248 16.61 16.74 25.12
C MET D 248 16.18 17.70 26.23
N GLY D 249 17.10 18.53 26.74
CA GLY D 249 16.72 19.47 27.78
C GLY D 249 16.18 18.76 29.00
N THR D 250 15.13 19.32 29.60
CA THR D 250 14.59 18.77 30.84
C THR D 250 13.83 17.46 30.62
N PHE D 251 13.52 17.11 29.37
CA PHE D 251 12.76 15.89 29.10
C PHE D 251 13.45 14.66 29.66
N GLN D 252 14.78 14.59 29.55
CA GLN D 252 15.48 13.36 29.91
C GLN D 252 15.27 13.01 31.38
N LEU D 253 15.52 13.98 32.27
CA LEU D 253 15.32 13.74 33.70
C LEU D 253 13.83 13.58 34.02
N GLU D 254 12.97 14.40 33.40
CA GLU D 254 11.57 14.35 33.77
C GLU D 254 10.96 13.00 33.42
N GLN D 255 11.29 12.45 32.26
CA GLN D 255 10.84 11.10 31.94
C GLN D 255 11.43 10.08 32.90
N MET D 256 12.73 10.21 33.19
CA MET D 256 13.38 9.19 34.02
C MET D 256 12.79 9.14 35.42
N LYS D 257 12.28 10.27 35.94
CA LYS D 257 11.64 10.28 37.25
C LYS D 257 10.45 9.34 37.31
N ALA D 258 9.81 9.07 36.16
CA ALA D 258 8.71 8.12 36.13
C ALA D 258 9.18 6.68 36.15
N TYR D 259 10.45 6.44 35.89
CA TYR D 259 11.01 5.10 35.84
C TYR D 259 11.88 4.74 37.04
N ALA D 260 12.54 5.71 37.66
CA ALA D 260 13.58 5.42 38.62
C ALA D 260 13.30 6.14 39.93
N GLU D 261 13.44 5.42 41.04
CA GLU D 261 13.22 6.00 42.36
C GLU D 261 14.37 6.89 42.80
N ASP D 262 15.59 6.64 42.33
CA ASP D 262 16.80 7.31 42.80
C ASP D 262 17.51 7.86 41.56
N VAL D 263 17.19 9.09 41.16
CA VAL D 263 17.72 9.64 39.92
C VAL D 263 18.14 11.08 40.15
N GLU D 264 19.29 11.44 39.60
CA GLU D 264 19.76 12.81 39.49
C GLU D 264 19.99 13.11 38.01
N GLY D 265 19.84 14.37 37.63
CA GLY D 265 19.95 14.74 36.24
C GLY D 265 20.75 16.02 36.09
N HIS D 266 21.37 16.15 34.92
CA HIS D 266 22.07 17.37 34.54
C HIS D 266 21.73 17.70 33.10
N VAL D 267 21.57 19.00 32.85
CA VAL D 267 21.43 19.54 31.50
C VAL D 267 22.67 20.38 31.23
N LEU D 268 23.33 20.11 30.10
CA LEU D 268 24.63 20.70 29.82
C LEU D 268 24.48 21.85 28.84
N PRO D 269 24.64 23.10 29.26
CA PRO D 269 24.48 24.23 28.33
C PRO D 269 25.57 24.22 27.26
N GLY D 270 25.19 24.66 26.07
CA GLY D 270 26.16 24.71 24.99
C GLY D 270 26.43 23.39 24.30
N CYS D 271 25.61 22.37 24.56
CA CYS D 271 25.78 21.05 23.97
C CYS D 271 24.44 20.53 23.50
N GLY D 272 24.47 19.80 22.39
CA GLY D 272 23.27 19.21 21.82
C GLY D 272 23.17 17.72 22.08
N HIS D 273 23.06 16.93 21.02
CA HIS D 273 22.82 15.50 21.18
C HIS D 273 24.10 14.73 21.46
N TRP D 274 25.22 15.13 20.86
CA TRP D 274 26.39 14.27 20.79
C TRP D 274 27.32 14.53 21.98
N LEU D 275 26.80 14.23 23.17
CA LEU D 275 27.49 14.69 24.38
C LEU D 275 28.92 14.22 24.50
N PRO D 276 29.29 12.97 24.19
CA PRO D 276 30.70 12.57 24.35
C PRO D 276 31.66 13.38 23.49
N GLU D 277 31.19 13.95 22.38
CA GLU D 277 32.01 14.75 21.50
C GLU D 277 31.82 16.26 21.69
N GLU D 278 30.58 16.75 21.80
CA GLU D 278 30.35 18.17 22.00
C GLU D 278 30.69 18.63 23.42
N CYS D 279 30.54 17.74 24.39
CA CYS D 279 30.65 18.05 25.81
C CYS D 279 31.58 17.07 26.49
N ALA D 280 32.67 16.70 25.81
CA ALA D 280 33.50 15.58 26.27
C ALA D 280 33.97 15.75 27.70
N ALA D 281 34.59 16.89 28.02
CA ALA D 281 35.17 17.03 29.36
C ALA D 281 34.10 17.06 30.45
N PRO D 282 33.05 17.90 30.37
CA PRO D 282 32.05 17.86 31.46
C PRO D 282 31.28 16.56 31.50
N MET D 283 30.94 15.97 30.35
CA MET D 283 30.25 14.70 30.36
C MET D 283 31.10 13.63 31.03
N ASN D 284 32.38 13.54 30.63
CA ASN D 284 33.26 12.54 31.24
C ASN D 284 33.34 12.73 32.75
N ARG D 285 33.52 13.97 33.19
CA ARG D 285 33.62 14.27 34.62
C ARG D 285 32.39 13.80 35.37
N LEU D 286 31.21 14.10 34.85
CA LEU D 286 29.99 13.76 35.57
C LEU D 286 29.80 12.24 35.63
N VAL D 287 30.13 11.54 34.55
CA VAL D 287 30.00 10.09 34.53
C VAL D 287 31.01 9.45 35.47
N ILE D 288 32.28 9.87 35.39
CA ILE D 288 33.30 9.29 36.25
C ILE D 288 32.96 9.50 37.72
N ASP D 289 32.56 10.72 38.08
CA ASP D 289 32.25 11.01 39.48
C ASP D 289 31.03 10.24 39.96
N PHE D 290 29.98 10.15 39.13
CA PHE D 290 28.79 9.43 39.54
C PHE D 290 29.08 7.96 39.74
N LEU D 291 29.87 7.36 38.85
CA LEU D 291 30.18 5.94 39.01
C LEU D 291 31.19 5.69 40.12
N SER D 292 32.01 6.68 40.46
CA SER D 292 33.03 6.47 41.47
C SER D 292 32.51 6.63 42.88
N ARG D 293 31.25 7.06 43.06
CA ARG D 293 30.61 6.95 44.36
C ARG D 293 30.45 5.49 44.77
N GLY D 294 30.37 4.58 43.81
CA GLY D 294 30.32 3.16 44.08
C GLY D 294 31.71 2.53 44.18
C1 AVH E . -7.62 -15.02 3.87
C2 AVH E . -7.64 -13.63 3.28
C3 AVH E . -9.00 -13.20 2.81
C4 AVH E . -10.09 -13.75 3.66
C5 AVH E . -10.14 -15.25 3.62
C6 AVH E . -8.69 -15.94 3.36
C7 AVH E . -11.39 -13.22 3.17
C8 AVH E . -11.50 -11.87 2.98
O2 AVH E . -8.47 -16.22 2.01
C1 8MD F . -8.35 -15.47 4.09
C2 8MD F . -9.81 -15.18 4.00
C3 8MD F . -10.16 -13.99 3.16
C4 8MD F . -9.14 -12.92 3.34
C5 8MD F . -7.77 -13.34 2.88
C6 8MD F . -7.55 -14.96 2.92
C7 8MD F . -9.59 -11.75 2.54
C8 8MD F . -10.81 -11.19 2.79
O2 8MD F . -7.96 -15.61 1.77
C1 BVH G . -13.75 -9.68 -21.04
C2 BVH G . -15.19 -9.67 -20.61
C3 BVH G . -15.61 -10.97 -20.00
C4 BVH G . -15.30 -12.13 -20.88
C5 BVH G . -13.85 -12.15 -21.28
C6 BVH G . -13.45 -10.87 -21.91
C7 BVH G . -15.64 -13.40 -20.16
C8 BVH G . -16.85 -13.49 -19.54
O1 BVH G . -12.89 -9.68 -19.94
C1 DVH H . -12.93 -11.15 -21.23
C2 DVH H . -13.61 -12.42 -20.88
C3 DVH H . -14.81 -12.18 -20.03
C4 DVH H . -15.75 -11.17 -20.59
C5 DVH H . -15.09 -9.93 -21.12
C6 DVH H . -13.86 -10.21 -21.91
C7 DVH H . -16.68 -10.73 -19.49
C8 DVH H . -17.71 -11.52 -19.14
O1 DVH H . -12.46 -10.54 -20.07
C1 BVH I . 1.10 18.33 1.61
C2 BVH I . 0.25 18.52 2.84
C3 BVH I . 0.06 17.25 3.59
C4 BVH I . -0.38 16.10 2.73
C5 BVH I . 0.45 15.93 1.50
C6 BVH I . 0.61 17.21 0.75
C7 BVH I . -0.27 14.87 3.57
C8 BVH I . -0.79 14.86 4.83
O1 BVH I . 2.43 18.14 1.95
C1 DVH J . 1.37 16.88 1.00
C2 DVH J . 0.83 15.61 1.59
C3 DVH J . 0.38 15.82 2.99
C4 DVH J . -0.61 16.95 3.11
C5 DVH J . -0.17 18.20 2.44
C6 DVH J . 0.35 17.97 1.06
C7 DVH J . -0.80 17.23 4.57
C8 DVH J . -1.36 16.29 5.36
O1 DVH J . 2.51 17.25 1.71
C1 BVH K . 17.58 8.50 18.56
C2 BVH K . 16.71 9.21 19.57
C3 BVH K . 16.63 10.69 19.34
C4 BVH K . 17.97 11.32 19.19
C5 BVH K . 18.80 10.64 18.14
C6 BVH K . 18.90 9.17 18.41
C7 BVH K . 17.80 12.77 18.80
C8 BVH K . 17.33 13.67 19.70
O1 BVH K . 16.97 8.39 17.32
C1 DVH L . 18.54 9.36 17.62
C2 DVH L . 18.55 10.85 17.73
C3 DVH L . 17.36 11.34 18.48
C4 DVH L . 17.20 10.69 19.82
C5 DVH L . 17.28 9.19 19.75
C6 DVH L . 18.45 8.72 18.95
C7 DVH L . 15.88 11.06 20.39
C8 DVH L . 15.57 12.37 20.56
O1 DVH L . 17.42 9.00 16.87
#